data_5SO5
#
_entry.id   5SO5
#
_cell.length_a   137.755
_cell.length_b   65.596
_cell.length_c   84.509
_cell.angle_alpha   90.000
_cell.angle_beta   93.700
_cell.angle_gamma   90.000
#
_symmetry.space_group_name_H-M   'C 1 2 1'
#
loop_
_entity.id
_entity.type
_entity.pdbx_description
1 polymer '3-oxoacyl-[acyl-carrier-protein] synthase 2'
2 non-polymer 'ethyl (2R,3S)-3-(4-chloropyridin-2-yl)-2-fluoro-3-hydroxypropanoate'
3 non-polymer 'DIMETHYL SULFOXIDE'
4 non-polymer 'PHOSPHATE ION'
5 water water
#
_entity_poly.entity_id   1
_entity_poly.type   'polypeptide(L)'
_entity_poly.pdbx_seq_one_letter_code
;MSRRRVVITGMGMLSPLGLDVPSSWEGILAGRSGIAPIEHMDLSAYSTRFGGSVKGFNVEEYLSAKEARKLDLFIQYGLA
ASFQAVRDSGLEVTDANRERIGVSMGSGIGGLTNIENNCRSLFEQGPRRISPFFVPGSIINMVSGFLSIHLGLQGPNYAL
TTAQTTGTHSIGMAARNIAYGEADVMVAGGSEMAACGLGLGGFGAARALSTRNDEPTRASRPWDRDRDGFVLSDGSGALV
LEELEHARARGARIYAELVGFGMSGDAFHMTAPPEDGAGAARCMKNALRDAGLDPRQVDYINAHGTSTPAGDIAEIAAVK
SVFGEHAHALSMSSTKSMTGHLLGAAGAVEAIFSVLALRDQVAPPTINLDNPDEGCDLDLVAHEAKPRKIDVALSNSFGF
GGTNGTLVFRRFAD
;
_entity_poly.pdbx_strand_id   A,B
#
loop_
_chem_comp.id
_chem_comp.type
_chem_comp.name
_chem_comp.formula
DMS non-polymer 'DIMETHYL SULFOXIDE' 'C2 H6 O S'
PO4 non-polymer 'PHOSPHATE ION' 'O4 P -3'
Q6C non-polymer 'ethyl (2R,3S)-3-(4-chloropyridin-2-yl)-2-fluoro-3-hydroxypropanoate' 'C10 H11 Cl F N O3'
#
# COMPACT_ATOMS: atom_id res chain seq x y z
N SER A 2 22.29 -10.49 -11.16
CA SER A 2 22.45 -9.02 -11.45
C SER A 2 21.15 -8.46 -12.07
N ARG A 3 21.01 -7.13 -12.09
CA ARG A 3 19.74 -6.42 -12.41
C ARG A 3 19.31 -6.70 -13.85
N ARG A 4 18.10 -7.21 -14.03
CA ARG A 4 17.53 -7.56 -15.35
C ARG A 4 16.74 -6.39 -15.93
N ARG A 5 16.62 -6.39 -17.25
CA ARG A 5 15.93 -5.29 -17.95
C ARG A 5 14.42 -5.57 -17.92
N VAL A 6 13.61 -4.51 -17.99
CA VAL A 6 12.13 -4.59 -17.83
C VAL A 6 11.43 -3.85 -18.95
N VAL A 7 10.49 -4.53 -19.61
CA VAL A 7 9.76 -3.96 -20.77
C VAL A 7 8.25 -4.01 -20.51
N ILE A 8 7.50 -3.21 -21.25
CA ILE A 8 6.01 -3.13 -21.20
C ILE A 8 5.44 -3.90 -22.39
N THR A 9 4.67 -4.94 -22.10
CA THR A 9 4.13 -5.87 -23.12
C THR A 9 2.60 -5.80 -23.15
N GLY A 10 1.95 -5.11 -22.20
CA GLY A 10 0.48 -5.00 -22.22
C GLY A 10 0.03 -3.81 -21.41
N MET A 11 -1.04 -3.15 -21.84
CA MET A 11 -1.59 -2.01 -21.07
C MET A 11 -3.13 -2.10 -21.11
N GLY A 12 -3.76 -1.52 -20.10
CA GLY A 12 -5.22 -1.52 -19.94
C GLY A 12 -5.63 -0.29 -19.19
N MET A 13 -6.85 0.20 -19.44
CA MET A 13 -7.28 1.50 -18.88
C MET A 13 -8.80 1.64 -18.88
N LEU A 14 -9.32 2.23 -17.80
CA LEU A 14 -10.59 3.01 -17.80
C LEU A 14 -10.24 4.43 -17.40
N SER A 15 -10.74 5.40 -18.16
CA SER A 15 -10.52 6.82 -17.88
C SER A 15 -11.80 7.58 -18.20
N PRO A 16 -11.86 8.87 -17.82
CA PRO A 16 -12.96 9.76 -18.23
C PRO A 16 -13.05 9.97 -19.75
N LEU A 17 -12.06 9.52 -20.53
CA LEU A 17 -11.99 9.68 -22.00
C LEU A 17 -12.32 8.38 -22.73
N GLY A 18 -12.35 7.22 -22.05
CA GLY A 18 -12.59 5.95 -22.75
C GLY A 18 -12.61 4.70 -21.87
N LEU A 19 -13.19 3.62 -22.39
CA LEU A 19 -13.32 2.32 -21.68
C LEU A 19 -12.14 1.40 -22.02
N ASP A 20 -11.12 1.92 -22.68
CA ASP A 20 -9.87 1.18 -22.94
C ASP A 20 -8.77 2.18 -23.32
N VAL A 21 -7.59 1.65 -23.64
CA VAL A 21 -6.39 2.47 -23.93
C VAL A 21 -6.61 3.24 -25.23
N PRO A 22 -6.86 2.56 -26.38
CA PRO A 22 -6.93 3.25 -27.66
C PRO A 22 -7.98 4.37 -27.70
N SER A 23 -9.15 4.16 -27.11
CA SER A 23 -10.24 5.18 -27.09
C SER A 23 -9.81 6.36 -26.18
N SER A 24 -9.18 6.09 -25.04
CA SER A 24 -8.65 7.13 -24.14
C SER A 24 -7.59 7.97 -24.88
N TRP A 25 -6.63 7.31 -25.53
CA TRP A 25 -5.49 7.94 -26.27
C TRP A 25 -5.98 8.84 -27.42
N GLU A 26 -6.98 8.39 -28.18
N GLU A 26 -6.98 8.39 -28.18
CA GLU A 26 -7.65 9.19 -29.25
CA GLU A 26 -7.65 9.20 -29.24
C GLU A 26 -8.16 10.50 -28.63
C GLU A 26 -8.14 10.51 -28.62
N GLY A 27 -8.78 10.43 -27.46
CA GLY A 27 -9.28 11.62 -26.74
C GLY A 27 -8.14 12.53 -26.32
N ILE A 28 -7.06 11.96 -25.79
CA ILE A 28 -5.82 12.71 -25.38
C ILE A 28 -5.27 13.45 -26.60
N LEU A 29 -5.12 12.77 -27.72
CA LEU A 29 -4.46 13.39 -28.89
C LEU A 29 -5.38 14.46 -29.50
N ALA A 30 -6.70 14.38 -29.28
CA ALA A 30 -7.65 15.33 -29.90
C ALA A 30 -7.96 16.48 -28.94
N GLY A 31 -7.39 16.47 -27.74
CA GLY A 31 -7.53 17.58 -26.78
C GLY A 31 -8.92 17.55 -26.16
N ARG A 32 -9.54 16.40 -26.09
CA ARG A 32 -10.93 16.26 -25.58
C ARG A 32 -10.89 16.22 -24.05
N SER A 33 -11.83 16.90 -23.38
CA SER A 33 -12.10 16.83 -21.91
C SER A 33 -13.05 15.68 -21.56
N GLY A 34 -12.76 14.96 -20.47
CA GLY A 34 -13.65 13.95 -19.92
C GLY A 34 -14.36 14.46 -18.68
N ILE A 35 -14.34 15.76 -18.42
CA ILE A 35 -14.86 16.36 -17.16
C ILE A 35 -16.28 16.87 -17.43
N ALA A 36 -17.20 16.57 -16.53
CA ALA A 36 -18.64 16.86 -16.71
C ALA A 36 -19.31 16.86 -15.34
N PRO A 37 -20.44 17.59 -15.18
CA PRO A 37 -21.20 17.52 -13.94
C PRO A 37 -21.42 16.04 -13.63
N ILE A 38 -21.31 15.69 -12.35
CA ILE A 38 -21.50 14.31 -11.85
C ILE A 38 -23.01 14.01 -11.83
N GLU A 39 -23.40 12.88 -12.37
CA GLU A 39 -24.81 12.46 -12.51
C GLU A 39 -25.24 11.48 -11.42
N HIS A 40 -24.31 10.71 -10.83
CA HIS A 40 -24.64 9.53 -9.98
C HIS A 40 -25.13 9.96 -8.57
N MET A 41 -25.14 11.25 -8.25
CA MET A 41 -25.56 11.72 -6.91
C MET A 41 -25.94 13.20 -6.93
N ASP A 42 -26.74 13.63 -5.96
CA ASP A 42 -27.16 15.03 -5.72
C ASP A 42 -26.03 15.79 -5.01
N LEU A 43 -25.35 16.69 -5.69
CA LEU A 43 -24.20 17.47 -5.13
C LEU A 43 -24.56 18.94 -4.89
N SER A 44 -25.84 19.32 -4.75
CA SER A 44 -26.23 20.75 -4.60
C SER A 44 -25.66 21.35 -3.30
N ALA A 45 -25.42 20.56 -2.26
CA ALA A 45 -24.82 21.05 -1.00
C ALA A 45 -23.28 21.15 -1.09
N TYR A 46 -22.66 20.71 -2.19
CA TYR A 46 -21.19 20.67 -2.33
C TYR A 46 -20.68 21.89 -3.10
N SER A 47 -19.45 22.35 -2.82
CA SER A 47 -18.79 23.47 -3.54
C SER A 47 -18.25 23.00 -4.91
N THR A 48 -18.14 21.69 -5.16
CA THR A 48 -17.73 21.12 -6.47
C THR A 48 -18.70 20.00 -6.84
N ARG A 49 -19.27 20.08 -8.04
CA ARG A 49 -20.39 19.21 -8.49
C ARG A 49 -20.03 18.50 -9.79
N PHE A 50 -18.76 18.52 -10.18
CA PHE A 50 -18.30 17.89 -11.43
C PHE A 50 -17.01 17.08 -11.18
N GLY A 51 -16.60 16.31 -12.18
CA GLY A 51 -15.37 15.49 -12.13
C GLY A 51 -15.27 14.63 -13.37
N GLY A 52 -14.21 13.81 -13.45
CA GLY A 52 -14.01 12.86 -14.56
C GLY A 52 -14.55 11.50 -14.20
N SER A 53 -15.80 11.25 -14.57
CA SER A 53 -16.50 9.96 -14.41
C SER A 53 -16.07 9.03 -15.53
N VAL A 54 -16.04 7.74 -15.24
CA VAL A 54 -15.97 6.70 -16.29
C VAL A 54 -17.39 6.57 -16.84
N LYS A 55 -17.60 6.74 -18.15
CA LYS A 55 -18.95 6.77 -18.77
C LYS A 55 -19.25 5.42 -19.44
N GLY A 56 -20.38 4.78 -19.06
CA GLY A 56 -20.90 3.57 -19.72
C GLY A 56 -20.05 2.33 -19.43
N PHE A 57 -19.36 2.30 -18.29
CA PHE A 57 -18.58 1.12 -17.87
C PHE A 57 -19.54 -0.07 -17.78
N ASN A 58 -19.19 -1.16 -18.46
CA ASN A 58 -19.99 -2.41 -18.39
C ASN A 58 -19.18 -3.51 -17.71
N VAL A 59 -19.41 -3.70 -16.40
CA VAL A 59 -18.63 -4.68 -15.60
C VAL A 59 -18.93 -6.11 -16.12
N GLU A 60 -20.06 -6.33 -16.78
CA GLU A 60 -20.42 -7.67 -17.33
C GLU A 60 -19.61 -8.00 -18.58
N GLU A 61 -18.71 -7.10 -19.02
CA GLU A 61 -17.64 -7.43 -20.02
C GLU A 61 -16.49 -8.19 -19.34
N TYR A 62 -16.44 -8.21 -18.02
CA TYR A 62 -15.25 -8.66 -17.24
C TYR A 62 -15.62 -9.70 -16.20
N LEU A 63 -16.74 -9.50 -15.49
CA LEU A 63 -17.10 -10.25 -14.27
C LEU A 63 -18.59 -10.63 -14.35
N SER A 64 -18.98 -11.73 -13.72
CA SER A 64 -20.40 -12.08 -13.46
C SER A 64 -21.04 -10.99 -12.58
N ALA A 65 -22.33 -10.70 -12.78
CA ALA A 65 -23.04 -9.68 -11.95
C ALA A 65 -23.01 -10.13 -10.49
N LYS A 66 -22.97 -11.45 -10.27
CA LYS A 66 -22.92 -12.06 -8.91
C LYS A 66 -21.65 -11.63 -8.16
N GLU A 67 -20.50 -11.63 -8.84
N GLU A 67 -20.51 -11.63 -8.85
CA GLU A 67 -19.20 -11.17 -8.26
CA GLU A 67 -19.22 -11.16 -8.29
C GLU A 67 -19.17 -9.64 -8.20
C GLU A 67 -19.23 -9.64 -8.18
N ALA A 68 -19.54 -8.97 -9.29
CA ALA A 68 -19.46 -7.50 -9.42
C ALA A 68 -20.18 -6.80 -8.24
N ARG A 69 -21.33 -7.34 -7.84
N ARG A 69 -21.32 -7.34 -7.83
CA ARG A 69 -22.20 -6.77 -6.78
CA ARG A 69 -22.18 -6.73 -6.78
C ARG A 69 -21.45 -6.70 -5.44
C ARG A 69 -21.47 -6.73 -5.42
N LYS A 70 -20.48 -7.60 -5.21
CA LYS A 70 -19.70 -7.66 -3.94
C LYS A 70 -18.54 -6.65 -3.92
N LEU A 71 -18.22 -5.97 -5.02
CA LEU A 71 -16.93 -5.26 -5.17
C LEU A 71 -17.18 -3.77 -5.37
N ASP A 72 -16.44 -2.94 -4.64
CA ASP A 72 -16.45 -1.48 -4.88
C ASP A 72 -16.08 -1.20 -6.35
N LEU A 73 -16.66 -0.12 -6.91
CA LEU A 73 -16.22 0.35 -8.24
C LEU A 73 -14.69 0.39 -8.37
N PHE A 74 -13.90 0.84 -7.40
CA PHE A 74 -12.43 0.98 -7.63
C PHE A 74 -11.84 -0.41 -7.94
N ILE A 75 -12.34 -1.46 -7.29
CA ILE A 75 -11.92 -2.84 -7.59
C ILE A 75 -12.41 -3.24 -8.97
N GLN A 76 -13.68 -2.98 -9.33
CA GLN A 76 -14.18 -3.29 -10.68
C GLN A 76 -13.29 -2.61 -11.73
N TYR A 77 -12.92 -1.33 -11.54
CA TYR A 77 -12.11 -0.56 -12.50
C TYR A 77 -10.70 -1.18 -12.58
N GLY A 78 -10.12 -1.51 -11.44
CA GLY A 78 -8.77 -2.11 -11.37
C GLY A 78 -8.71 -3.45 -12.09
N LEU A 79 -9.69 -4.32 -11.85
CA LEU A 79 -9.81 -5.64 -12.55
C LEU A 79 -10.00 -5.44 -14.05
N ALA A 80 -10.87 -4.52 -14.47
CA ALA A 80 -11.11 -4.27 -15.91
C ALA A 80 -9.77 -3.88 -16.59
N ALA A 81 -9.07 -2.92 -16.02
CA ALA A 81 -7.79 -2.43 -16.60
C ALA A 81 -6.78 -3.60 -16.61
N SER A 82 -6.72 -4.39 -15.54
CA SER A 82 -5.78 -5.53 -15.39
C SER A 82 -6.10 -6.60 -16.43
N PHE A 83 -7.38 -6.96 -16.57
CA PHE A 83 -7.80 -7.93 -17.60
C PHE A 83 -7.38 -7.44 -18.99
N GLN A 84 -7.64 -6.17 -19.31
CA GLN A 84 -7.28 -5.58 -20.62
C GLN A 84 -5.77 -5.74 -20.81
N ALA A 85 -4.98 -5.46 -19.76
CA ALA A 85 -3.50 -5.43 -19.87
C ALA A 85 -2.98 -6.84 -20.16
N VAL A 86 -3.52 -7.82 -19.43
CA VAL A 86 -3.08 -9.23 -19.54
C VAL A 86 -3.42 -9.77 -20.92
N ARG A 87 -4.63 -9.49 -21.42
N ARG A 87 -4.63 -9.50 -21.43
CA ARG A 87 -5.08 -9.93 -22.78
CA ARG A 87 -5.06 -9.93 -22.78
C ARG A 87 -4.18 -9.23 -23.82
C ARG A 87 -4.18 -9.24 -23.82
N ASP A 88 -3.95 -7.92 -23.66
CA ASP A 88 -3.09 -7.13 -24.57
C ASP A 88 -1.68 -7.73 -24.60
N SER A 89 -1.20 -8.33 -23.51
CA SER A 89 0.18 -8.88 -23.43
C SER A 89 0.32 -10.15 -24.29
N GLY A 90 -0.76 -10.91 -24.52
CA GLY A 90 -0.72 -12.26 -25.15
C GLY A 90 -0.16 -13.32 -24.20
N LEU A 91 0.12 -12.97 -22.95
CA LEU A 91 0.76 -13.92 -22.01
C LEU A 91 -0.25 -15.01 -21.63
N GLU A 92 0.21 -16.27 -21.66
CA GLU A 92 -0.57 -17.45 -21.17
C GLU A 92 0.01 -17.86 -19.82
N VAL A 93 -0.86 -17.94 -18.80
CA VAL A 93 -0.54 -18.39 -17.43
C VAL A 93 -0.59 -19.91 -17.40
N THR A 94 0.48 -20.54 -16.91
CA THR A 94 0.63 -22.01 -16.86
C THR A 94 1.17 -22.42 -15.50
N ASP A 95 1.19 -23.72 -15.23
CA ASP A 95 1.84 -24.27 -14.02
C ASP A 95 3.34 -23.97 -14.09
N ALA A 96 3.95 -23.84 -15.27
CA ALA A 96 5.39 -23.56 -15.44
C ALA A 96 5.71 -22.11 -15.03
N ASN A 97 4.77 -21.16 -15.16
CA ASN A 97 5.12 -19.72 -14.95
C ASN A 97 4.25 -19.04 -13.87
N ARG A 98 3.20 -19.67 -13.33
CA ARG A 98 2.24 -18.92 -12.47
C ARG A 98 2.93 -18.45 -11.19
N GLU A 99 3.99 -19.12 -10.73
CA GLU A 99 4.68 -18.72 -9.48
C GLU A 99 5.54 -17.47 -9.73
N ARG A 100 5.76 -17.12 -10.99
CA ARG A 100 6.69 -16.05 -11.44
C ARG A 100 5.91 -14.82 -11.93
N ILE A 101 4.59 -14.82 -11.76
CA ILE A 101 3.69 -13.72 -12.22
C ILE A 101 2.97 -13.20 -11.00
N GLY A 102 3.17 -11.92 -10.71
CA GLY A 102 2.56 -11.29 -9.54
C GLY A 102 1.76 -10.09 -9.92
N VAL A 103 1.25 -9.39 -8.92
CA VAL A 103 0.39 -8.22 -9.19
C VAL A 103 0.66 -7.17 -8.10
N SER A 104 0.72 -5.91 -8.51
CA SER A 104 0.80 -4.76 -7.59
C SER A 104 -0.12 -3.66 -8.14
N MET A 105 -1.41 -3.74 -7.82
CA MET A 105 -2.40 -2.71 -8.18
C MET A 105 -2.81 -1.99 -6.90
N GLY A 106 -2.64 -0.68 -6.88
CA GLY A 106 -2.82 0.15 -5.68
C GLY A 106 -3.99 1.08 -5.81
N SER A 107 -4.26 1.84 -4.76
CA SER A 107 -5.30 2.89 -4.77
C SER A 107 -4.93 3.89 -3.67
N GLY A 108 -5.28 5.14 -3.85
CA GLY A 108 -5.06 6.19 -2.82
C GLY A 108 -6.07 6.07 -1.72
N ILE A 109 -7.33 5.83 -2.07
CA ILE A 109 -8.47 5.90 -1.10
C ILE A 109 -9.24 4.57 -1.01
N GLY A 110 -9.25 3.74 -2.06
CA GLY A 110 -9.99 2.47 -2.04
C GLY A 110 -11.51 2.68 -2.02
N GLY A 111 -12.25 1.82 -1.34
CA GLY A 111 -13.67 1.60 -1.64
C GLY A 111 -14.53 2.59 -0.87
N LEU A 112 -14.35 3.89 -1.12
CA LEU A 112 -15.01 4.93 -0.30
C LEU A 112 -16.55 4.88 -0.47
N THR A 113 -17.06 4.61 -1.69
CA THR A 113 -18.51 4.50 -1.99
C THR A 113 -19.11 3.38 -1.14
N ASN A 114 -18.42 2.24 -1.09
CA ASN A 114 -18.86 1.08 -0.29
C ASN A 114 -18.83 1.43 1.21
N ILE A 115 -17.76 2.05 1.66
CA ILE A 115 -17.59 2.42 3.08
C ILE A 115 -18.72 3.37 3.47
N GLU A 116 -19.01 4.36 2.62
CA GLU A 116 -20.06 5.36 2.88
C GLU A 116 -21.40 4.62 2.99
N ASN A 117 -21.75 3.80 1.97
CA ASN A 117 -23.00 2.98 1.92
C ASN A 117 -23.16 2.11 3.18
N ASN A 118 -22.10 1.45 3.63
CA ASN A 118 -22.16 0.58 4.81
C ASN A 118 -22.19 1.42 6.06
N CYS A 119 -21.59 2.62 6.02
CA CYS A 119 -21.71 3.61 7.12
C CYS A 119 -23.18 4.06 7.27
N ARG A 120 -23.84 4.36 6.16
CA ARG A 120 -25.28 4.75 6.11
C ARG A 120 -26.11 3.63 6.79
N SER A 121 -25.93 2.38 6.34
CA SER A 121 -26.58 1.17 6.92
C SER A 121 -26.34 1.08 8.42
N LEU A 122 -25.09 1.18 8.85
CA LEU A 122 -24.72 1.07 10.28
C LEU A 122 -25.46 2.12 11.12
N PHE A 123 -25.52 3.38 10.68
CA PHE A 123 -26.04 4.51 11.50
C PHE A 123 -27.58 4.56 11.47
N GLU A 124 -28.18 4.24 10.33
CA GLU A 124 -29.63 4.34 10.13
C GLU A 124 -30.28 3.04 10.65
N GLN A 125 -29.65 1.87 10.45
CA GLN A 125 -30.34 0.55 10.62
C GLN A 125 -29.64 -0.36 11.62
N GLY A 126 -28.34 -0.20 11.84
CA GLY A 126 -27.60 -1.02 12.81
C GLY A 126 -26.60 -1.93 12.12
N PRO A 127 -25.70 -2.54 12.93
CA PRO A 127 -24.61 -3.36 12.43
C PRO A 127 -25.05 -4.59 11.63
N ARG A 128 -26.26 -5.11 11.89
CA ARG A 128 -26.75 -6.36 11.25
C ARG A 128 -27.04 -6.09 9.77
N ARG A 129 -27.06 -4.81 9.36
CA ARG A 129 -27.28 -4.45 7.94
C ARG A 129 -25.95 -4.20 7.20
N ILE A 130 -24.80 -4.31 7.87
CA ILE A 130 -23.49 -4.20 7.14
C ILE A 130 -23.36 -5.43 6.24
N SER A 131 -22.95 -5.26 4.99
CA SER A 131 -22.71 -6.40 4.07
C SER A 131 -21.61 -7.30 4.62
N PRO A 132 -21.80 -8.65 4.52
CA PRO A 132 -20.74 -9.62 4.78
C PRO A 132 -19.51 -9.46 3.88
N PHE A 133 -19.69 -8.82 2.72
CA PHE A 133 -18.65 -8.60 1.70
C PHE A 133 -18.00 -7.23 1.91
N PHE A 134 -18.40 -6.49 2.96
CA PHE A 134 -17.98 -5.08 3.19
C PHE A 134 -16.44 -4.98 3.19
N VAL A 135 -15.75 -5.77 4.01
CA VAL A 135 -14.27 -5.66 4.14
C VAL A 135 -13.59 -6.15 2.86
N PRO A 136 -13.77 -7.42 2.40
CA PRO A 136 -13.09 -7.88 1.21
C PRO A 136 -13.47 -7.06 -0.04
N GLY A 137 -14.66 -6.45 -0.04
CA GLY A 137 -15.15 -5.68 -1.20
C GLY A 137 -14.71 -4.22 -1.21
N SER A 138 -14.01 -3.74 -0.18
CA SER A 138 -13.60 -2.31 -0.03
C SER A 138 -12.10 -2.14 0.10
N ILE A 139 -11.37 -3.13 0.63
CA ILE A 139 -9.95 -2.91 1.07
C ILE A 139 -9.02 -2.91 -0.14
N ILE A 140 -7.96 -2.13 -0.04
CA ILE A 140 -7.21 -1.65 -1.23
C ILE A 140 -6.51 -2.85 -1.90
N ASN A 141 -6.10 -3.86 -1.15
CA ASN A 141 -5.29 -4.99 -1.72
C ASN A 141 -6.14 -5.98 -2.54
N MET A 142 -7.45 -5.75 -2.72
CA MET A 142 -8.33 -6.79 -3.29
C MET A 142 -8.37 -6.70 -4.82
N VAL A 143 -7.80 -5.65 -5.42
CA VAL A 143 -7.54 -5.71 -6.88
C VAL A 143 -6.48 -6.79 -7.12
N SER A 144 -5.33 -6.68 -6.44
CA SER A 144 -4.26 -7.70 -6.45
C SER A 144 -4.83 -9.08 -6.10
N GLY A 145 -5.61 -9.15 -5.04
CA GLY A 145 -6.24 -10.40 -4.56
C GLY A 145 -7.13 -11.04 -5.61
N PHE A 146 -8.17 -10.31 -6.05
CA PHE A 146 -9.18 -10.85 -6.98
C PHE A 146 -8.47 -11.17 -8.30
N LEU A 147 -7.49 -10.38 -8.72
CA LEU A 147 -6.86 -10.63 -10.04
C LEU A 147 -6.11 -11.96 -9.95
N SER A 148 -5.40 -12.19 -8.84
N SER A 148 -5.39 -12.17 -8.86
CA SER A 148 -4.59 -13.41 -8.63
CA SER A 148 -4.59 -13.40 -8.58
C SER A 148 -5.51 -14.64 -8.59
C SER A 148 -5.51 -14.62 -8.60
N ILE A 149 -6.65 -14.54 -7.91
CA ILE A 149 -7.65 -15.64 -7.80
C ILE A 149 -8.18 -15.99 -9.20
N HIS A 150 -8.59 -15.00 -9.99
CA HIS A 150 -9.21 -15.20 -11.33
C HIS A 150 -8.21 -15.70 -12.37
N LEU A 151 -6.94 -15.24 -12.34
CA LEU A 151 -5.95 -15.63 -13.38
C LEU A 151 -4.99 -16.71 -12.88
N GLY A 152 -4.96 -17.01 -11.59
CA GLY A 152 -4.06 -18.02 -10.98
C GLY A 152 -2.64 -17.50 -10.82
N LEU A 153 -2.46 -16.22 -10.45
CA LEU A 153 -1.13 -15.57 -10.30
C LEU A 153 -0.62 -15.86 -8.89
N GLN A 154 0.52 -16.54 -8.77
CA GLN A 154 1.01 -17.00 -7.44
C GLN A 154 2.31 -16.28 -7.08
N GLY A 155 2.76 -15.36 -7.91
CA GLY A 155 3.93 -14.49 -7.62
C GLY A 155 3.62 -13.47 -6.52
N PRO A 156 4.56 -12.53 -6.29
CA PRO A 156 4.36 -11.48 -5.29
C PRO A 156 3.00 -10.80 -5.50
N ASN A 157 2.26 -10.66 -4.42
CA ASN A 157 0.87 -10.15 -4.42
C ASN A 157 0.82 -9.02 -3.40
N TYR A 158 0.75 -7.77 -3.83
CA TYR A 158 0.71 -6.67 -2.83
C TYR A 158 0.01 -5.46 -3.42
N ALA A 159 -0.07 -4.41 -2.62
CA ALA A 159 -0.72 -3.15 -3.00
C ALA A 159 -0.03 -2.02 -2.25
N LEU A 160 0.27 -0.95 -2.97
CA LEU A 160 0.80 0.31 -2.41
C LEU A 160 -0.39 1.24 -2.19
N THR A 161 -0.25 2.12 -1.23
CA THR A 161 -1.18 3.24 -1.06
C THR A 161 -0.33 4.46 -0.67
N THR A 162 -0.04 5.32 -1.66
CA THR A 162 0.83 6.50 -1.50
C THR A 162 0.09 7.67 -2.14
N ALA A 163 -1.20 7.76 -1.83
CA ALA A 163 -2.07 8.87 -2.26
C ALA A 163 -1.87 9.09 -3.76
N GLN A 164 -1.59 10.31 -4.19
CA GLN A 164 -1.53 10.69 -5.62
C GLN A 164 -0.27 10.14 -6.32
N THR A 165 0.60 9.43 -5.62
CA THR A 165 1.84 8.84 -6.21
C THR A 165 1.65 7.35 -6.44
N THR A 166 0.53 6.79 -5.97
CA THR A 166 0.31 5.33 -5.90
C THR A 166 0.65 4.64 -7.21
N GLY A 167 0.13 5.08 -8.36
CA GLY A 167 0.28 4.35 -9.63
C GLY A 167 1.74 4.31 -10.06
N THR A 168 2.47 5.38 -9.81
CA THR A 168 3.87 5.54 -10.24
C THR A 168 4.71 4.60 -9.36
N HIS A 169 4.53 4.69 -8.05
CA HIS A 169 5.22 3.77 -7.11
C HIS A 169 4.88 2.32 -7.44
N SER A 170 3.61 2.02 -7.72
CA SER A 170 3.20 0.61 -7.97
C SER A 170 3.99 0.04 -9.14
N ILE A 171 4.07 0.80 -10.23
CA ILE A 171 4.77 0.37 -11.47
C ILE A 171 6.28 0.28 -11.22
N GLY A 172 6.87 1.31 -10.60
CA GLY A 172 8.31 1.32 -10.27
C GLY A 172 8.76 0.13 -9.45
N MET A 173 8.07 -0.14 -8.34
N MET A 173 8.06 -0.19 -8.36
CA MET A 173 8.43 -1.23 -7.38
CA MET A 173 8.46 -1.26 -7.41
C MET A 173 8.19 -2.59 -8.06
C MET A 173 8.13 -2.64 -7.98
N ALA A 174 7.11 -2.75 -8.84
CA ALA A 174 6.85 -3.97 -9.64
C ALA A 174 8.05 -4.16 -10.61
N ALA A 175 8.53 -3.12 -11.28
CA ALA A 175 9.73 -3.21 -12.15
C ALA A 175 10.95 -3.70 -11.34
N ARG A 176 11.15 -3.19 -10.13
CA ARG A 176 12.22 -3.64 -9.23
C ARG A 176 12.06 -5.11 -8.88
N ASN A 177 10.84 -5.59 -8.60
CA ASN A 177 10.61 -7.03 -8.35
C ASN A 177 11.21 -7.86 -9.50
N ILE A 178 10.97 -7.42 -10.73
CA ILE A 178 11.41 -8.18 -11.94
C ILE A 178 12.92 -8.03 -12.10
N ALA A 179 13.41 -6.80 -11.97
CA ALA A 179 14.83 -6.45 -12.11
C ALA A 179 15.66 -7.35 -11.20
N TYR A 180 15.23 -7.53 -9.95
CA TYR A 180 15.98 -8.24 -8.89
C TYR A 180 15.67 -9.74 -8.89
N GLY A 181 14.78 -10.24 -9.75
CA GLY A 181 14.53 -11.69 -9.89
C GLY A 181 13.43 -12.24 -8.98
N GLU A 182 12.65 -11.39 -8.31
CA GLU A 182 11.56 -11.85 -7.41
C GLU A 182 10.38 -12.37 -8.29
N ALA A 183 10.24 -11.84 -9.52
CA ALA A 183 9.21 -12.23 -10.51
C ALA A 183 9.76 -12.03 -11.91
N ASP A 184 9.15 -12.65 -12.91
CA ASP A 184 9.46 -12.42 -14.33
C ASP A 184 8.38 -11.56 -14.95
N VAL A 185 7.17 -11.55 -14.36
CA VAL A 185 6.03 -10.77 -14.88
C VAL A 185 5.30 -10.11 -13.71
N MET A 186 4.88 -8.87 -13.90
CA MET A 186 4.04 -8.23 -12.88
C MET A 186 2.94 -7.45 -13.59
N VAL A 187 1.73 -7.54 -13.07
CA VAL A 187 0.64 -6.62 -13.48
C VAL A 187 0.63 -5.46 -12.47
N ALA A 188 0.83 -4.22 -12.90
CA ALA A 188 1.00 -3.12 -11.92
C ALA A 188 0.32 -1.87 -12.42
N GLY A 189 -0.15 -1.06 -11.48
CA GLY A 189 -0.84 0.19 -11.76
C GLY A 189 -1.69 0.57 -10.59
N GLY A 190 -2.82 1.18 -10.86
CA GLY A 190 -3.72 1.59 -9.78
C GLY A 190 -5.11 1.88 -10.26
N SER A 191 -6.04 2.08 -9.30
CA SER A 191 -7.48 2.32 -9.58
C SER A 191 -8.03 3.22 -8.48
N GLU A 192 -8.99 4.04 -8.87
CA GLU A 192 -9.60 5.00 -7.95
C GLU A 192 -11.05 5.24 -8.34
N MET A 193 -11.90 5.37 -7.34
N MET A 193 -11.88 5.44 -7.33
CA MET A 193 -13.29 5.90 -7.48
CA MET A 193 -13.30 5.86 -7.45
C MET A 193 -13.65 6.55 -6.15
C MET A 193 -13.67 6.56 -6.15
N ALA A 194 -13.31 7.83 -6.02
CA ALA A 194 -13.47 8.59 -4.77
C ALA A 194 -14.64 9.56 -4.90
N ALA A 195 -15.42 9.47 -5.99
CA ALA A 195 -16.57 10.39 -6.24
C ALA A 195 -17.78 9.89 -5.46
N CYS A 196 -17.76 10.09 -4.15
CA CYS A 196 -18.94 9.98 -3.25
C CYS A 196 -18.97 11.21 -2.34
N GLY A 197 -20.01 11.37 -1.54
CA GLY A 197 -20.14 12.52 -0.65
C GLY A 197 -18.89 12.69 0.18
N LEU A 198 -18.38 11.60 0.72
CA LEU A 198 -17.18 11.61 1.59
C LEU A 198 -15.99 12.15 0.80
N GLY A 199 -15.83 11.74 -0.45
CA GLY A 199 -14.65 12.13 -1.26
C GLY A 199 -14.71 13.59 -1.70
N LEU A 200 -15.81 13.95 -2.37
CA LEU A 200 -16.00 15.33 -2.88
C LEU A 200 -16.09 16.27 -1.68
N GLY A 201 -16.74 15.83 -0.59
CA GLY A 201 -16.83 16.57 0.68
C GLY A 201 -15.48 16.72 1.35
N GLY A 202 -14.70 15.63 1.45
CA GLY A 202 -13.37 15.68 2.10
C GLY A 202 -12.41 16.60 1.35
N PHE A 203 -12.24 16.41 0.05
CA PHE A 203 -11.33 17.30 -0.72
C PHE A 203 -11.90 18.72 -0.75
N GLY A 204 -13.22 18.84 -0.79
CA GLY A 204 -13.90 20.14 -0.72
C GLY A 204 -13.64 20.87 0.60
N ALA A 205 -13.67 20.15 1.71
CA ALA A 205 -13.38 20.72 3.05
C ALA A 205 -11.97 21.29 3.09
N ALA A 206 -11.03 20.72 2.32
CA ALA A 206 -9.62 21.19 2.24
C ALA A 206 -9.50 22.34 1.24
N ARG A 207 -10.54 22.62 0.45
CA ARG A 207 -10.51 23.72 -0.53
C ARG A 207 -9.45 23.42 -1.60
N ALA A 208 -9.13 22.14 -1.82
CA ALA A 208 -8.14 21.63 -2.80
C ALA A 208 -8.74 21.52 -4.21
N LEU A 209 -10.08 21.49 -4.35
CA LEU A 209 -10.77 21.24 -5.66
C LEU A 209 -11.07 22.56 -6.36
N SER A 210 -10.98 22.55 -7.69
CA SER A 210 -11.59 23.59 -8.54
C SER A 210 -13.08 23.67 -8.23
N THR A 211 -13.61 24.88 -8.15
CA THR A 211 -15.06 25.13 -7.98
C THR A 211 -15.65 25.74 -9.26
N ARG A 212 -15.09 25.47 -10.43
CA ARG A 212 -15.59 26.02 -11.73
C ARG A 212 -16.81 25.21 -12.22
N ASN A 213 -17.88 25.15 -11.43
CA ASN A 213 -19.06 24.29 -11.67
C ASN A 213 -19.75 24.69 -12.98
N ASP A 214 -19.66 25.96 -13.34
CA ASP A 214 -20.37 26.51 -14.53
C ASP A 214 -19.58 26.23 -15.80
N GLU A 215 -18.35 25.71 -15.71
CA GLU A 215 -17.56 25.42 -16.93
C GLU A 215 -16.59 24.29 -16.64
N PRO A 216 -17.10 23.06 -16.33
CA PRO A 216 -16.25 21.97 -15.87
C PRO A 216 -15.10 21.59 -16.82
N THR A 217 -15.28 21.69 -18.14
CA THR A 217 -14.24 21.23 -19.11
C THR A 217 -13.04 22.20 -19.05
N ARG A 218 -13.22 23.41 -18.52
CA ARG A 218 -12.16 24.46 -18.45
C ARG A 218 -11.54 24.50 -17.06
N ALA A 219 -12.02 23.67 -16.12
CA ALA A 219 -11.64 23.70 -14.70
C ALA A 219 -10.17 23.30 -14.51
N SER A 220 -9.76 22.21 -15.13
CA SER A 220 -8.38 21.64 -15.05
C SER A 220 -7.53 22.39 -16.07
N ARG A 221 -6.67 23.29 -15.59
CA ARG A 221 -5.91 24.24 -16.43
C ARG A 221 -4.51 24.37 -15.81
N PRO A 222 -3.72 23.26 -15.85
CA PRO A 222 -2.38 23.25 -15.28
C PRO A 222 -1.50 24.38 -15.83
N TRP A 223 -0.88 25.16 -14.93
CA TRP A 223 0.07 26.29 -15.19
C TRP A 223 -0.69 27.53 -15.72
N ASP A 224 -2.01 27.47 -15.87
CA ASP A 224 -2.82 28.64 -16.31
C ASP A 224 -2.97 29.58 -15.11
N ARG A 225 -2.89 30.90 -15.32
CA ARG A 225 -2.95 31.89 -14.22
C ARG A 225 -4.30 31.80 -13.48
N ASP A 226 -5.35 31.26 -14.10
CA ASP A 226 -6.72 31.23 -13.50
C ASP A 226 -7.07 29.85 -12.90
N ARG A 227 -6.10 28.95 -12.70
CA ARG A 227 -6.34 27.62 -12.04
C ARG A 227 -6.73 27.84 -10.58
N ASP A 228 -7.56 26.97 -10.03
CA ASP A 228 -8.15 27.10 -8.67
C ASP A 228 -8.27 25.74 -7.99
N GLY A 229 -7.44 24.77 -8.42
CA GLY A 229 -7.32 23.45 -7.77
C GLY A 229 -7.61 22.28 -8.71
N PHE A 230 -7.54 21.06 -8.20
CA PHE A 230 -7.55 19.88 -9.08
C PHE A 230 -9.01 19.50 -9.32
N VAL A 231 -9.19 18.70 -10.36
CA VAL A 231 -10.49 18.08 -10.72
C VAL A 231 -10.39 16.60 -10.37
N LEU A 232 -11.37 16.11 -9.62
CA LEU A 232 -11.38 14.72 -9.11
C LEU A 232 -11.90 13.80 -10.22
N SER A 233 -11.18 12.71 -10.49
CA SER A 233 -11.46 11.78 -11.62
C SER A 233 -11.26 10.33 -11.18
N ASP A 234 -11.94 9.45 -11.93
CA ASP A 234 -12.09 8.01 -11.62
C ASP A 234 -11.46 7.20 -12.74
N GLY A 235 -11.02 5.99 -12.42
CA GLY A 235 -10.58 5.05 -13.45
C GLY A 235 -9.42 4.20 -12.96
N SER A 236 -8.65 3.69 -13.90
N SER A 236 -8.70 3.58 -13.89
CA SER A 236 -7.65 2.62 -13.68
CA SER A 236 -7.61 2.62 -13.59
C SER A 236 -6.63 2.62 -14.82
C SER A 236 -6.66 2.52 -14.79
N GLY A 237 -5.39 2.26 -14.49
CA GLY A 237 -4.34 1.94 -15.46
C GLY A 237 -3.66 0.69 -14.93
N ALA A 238 -3.39 -0.23 -15.84
CA ALA A 238 -2.63 -1.45 -15.54
C ALA A 238 -1.63 -1.65 -16.69
N LEU A 239 -0.44 -2.07 -16.34
CA LEU A 239 0.60 -2.46 -17.32
C LEU A 239 1.08 -3.85 -16.97
N VAL A 240 1.39 -4.64 -17.99
CA VAL A 240 2.13 -5.91 -17.83
C VAL A 240 3.60 -5.55 -18.02
N LEU A 241 4.36 -5.67 -16.92
CA LEU A 241 5.82 -5.49 -16.89
C LEU A 241 6.41 -6.88 -17.01
N GLU A 242 7.47 -7.00 -17.80
CA GLU A 242 8.02 -8.33 -18.13
C GLU A 242 9.54 -8.24 -18.24
N GLU A 243 10.25 -9.18 -17.68
CA GLU A 243 11.71 -9.27 -17.91
C GLU A 243 11.96 -9.37 -19.42
N LEU A 244 12.98 -8.65 -19.92
CA LEU A 244 13.29 -8.50 -21.34
C LEU A 244 13.44 -9.89 -22.02
N GLU A 245 14.30 -10.77 -21.50
CA GLU A 245 14.63 -12.07 -22.20
C GLU A 245 13.39 -12.96 -22.17
N HIS A 246 12.60 -12.86 -21.11
CA HIS A 246 11.30 -13.58 -20.97
C HIS A 246 10.38 -13.11 -22.10
N ALA A 247 10.28 -11.79 -22.32
CA ALA A 247 9.45 -11.24 -23.41
C ALA A 247 10.00 -11.69 -24.76
N ARG A 248 11.32 -11.65 -24.93
CA ARG A 248 11.97 -11.98 -26.22
C ARG A 248 11.72 -13.44 -26.58
N ALA A 249 11.87 -14.33 -25.58
CA ALA A 249 11.75 -15.80 -25.70
C ALA A 249 10.33 -16.20 -26.16
N ARG A 250 9.28 -15.48 -25.76
CA ARG A 250 7.89 -15.82 -26.15
C ARG A 250 7.43 -15.00 -27.37
N GLY A 251 8.28 -14.13 -27.93
CA GLY A 251 7.93 -13.32 -29.11
C GLY A 251 6.93 -12.21 -28.78
N ALA A 252 6.98 -11.67 -27.57
CA ALA A 252 6.04 -10.62 -27.13
C ALA A 252 6.27 -9.37 -27.97
N ARG A 253 5.19 -8.65 -28.25
CA ARG A 253 5.27 -7.25 -28.69
C ARG A 253 5.69 -6.41 -27.48
N ILE A 254 6.74 -5.61 -27.63
CA ILE A 254 7.27 -4.71 -26.58
C ILE A 254 6.92 -3.27 -26.96
N TYR A 255 6.13 -2.60 -26.12
CA TYR A 255 5.81 -1.17 -26.37
C TYR A 255 7.02 -0.28 -26.13
N ALA A 256 7.74 -0.52 -25.05
CA ALA A 256 8.84 0.35 -24.58
C ALA A 256 9.54 -0.34 -23.41
N GLU A 257 10.69 0.20 -23.03
CA GLU A 257 11.49 -0.32 -21.90
C GLU A 257 11.33 0.67 -20.74
N LEU A 258 11.18 0.13 -19.53
N LEU A 258 11.21 0.13 -19.53
CA LEU A 258 11.19 0.91 -18.26
CA LEU A 258 11.20 0.90 -18.27
C LEU A 258 12.64 0.91 -17.75
C LEU A 258 12.63 0.92 -17.73
N VAL A 259 13.35 2.03 -17.92
CA VAL A 259 14.82 2.12 -17.63
C VAL A 259 15.11 2.78 -16.28
N GLY A 260 14.15 3.49 -15.68
CA GLY A 260 14.47 4.27 -14.49
C GLY A 260 13.28 4.46 -13.58
N PHE A 261 13.57 4.46 -12.29
CA PHE A 261 12.58 4.73 -11.23
C PHE A 261 13.28 5.48 -10.12
N GLY A 262 12.61 6.53 -9.67
CA GLY A 262 13.04 7.34 -8.55
C GLY A 262 11.90 7.51 -7.57
N MET A 263 12.27 7.55 -6.30
CA MET A 263 11.43 7.92 -5.17
C MET A 263 12.24 8.91 -4.35
N SER A 264 11.52 9.74 -3.61
CA SER A 264 12.13 10.68 -2.65
C SER A 264 11.00 11.20 -1.77
N GLY A 265 11.33 11.59 -0.54
CA GLY A 265 10.40 12.34 0.32
C GLY A 265 10.79 13.81 0.35
N ASP A 266 9.82 14.69 0.22
CA ASP A 266 9.97 16.15 0.44
C ASP A 266 10.44 16.37 1.88
N ALA A 267 9.83 15.66 2.83
CA ALA A 267 9.98 15.93 4.27
C ALA A 267 9.67 17.41 4.54
N PHE A 268 8.65 17.95 3.87
CA PHE A 268 8.31 19.40 3.91
C PHE A 268 6.96 19.62 4.63
N HIS A 269 5.87 19.13 4.05
CA HIS A 269 4.49 19.42 4.54
C HIS A 269 3.55 18.24 4.25
N MET A 270 2.55 18.04 5.11
CA MET A 270 1.53 16.96 5.00
C MET A 270 0.88 17.00 3.61
N THR A 271 0.59 18.19 3.07
CA THR A 271 -0.21 18.35 1.83
C THR A 271 0.41 19.27 0.78
N ALA A 272 1.20 20.27 1.17
CA ALA A 272 1.75 21.29 0.23
C ALA A 272 3.11 20.84 -0.29
N PRO A 273 3.38 20.97 -1.60
CA PRO A 273 4.72 20.70 -2.14
C PRO A 273 5.58 21.91 -1.83
N PRO A 274 6.91 21.78 -1.64
CA PRO A 274 7.76 22.97 -1.49
C PRO A 274 7.70 23.79 -2.79
N GLU A 275 7.64 25.12 -2.67
CA GLU A 275 7.53 26.07 -3.82
C GLU A 275 8.67 25.83 -4.83
N ASP A 276 9.86 25.45 -4.37
CA ASP A 276 11.07 25.31 -5.24
C ASP A 276 11.13 23.90 -5.87
N GLY A 277 10.23 22.99 -5.52
CA GLY A 277 10.20 21.65 -6.14
C GLY A 277 11.42 20.79 -5.79
N ALA A 278 12.03 20.99 -4.62
CA ALA A 278 13.29 20.32 -4.20
C ALA A 278 13.12 18.78 -4.17
N GLY A 279 12.02 18.28 -3.62
CA GLY A 279 11.74 16.83 -3.51
C GLY A 279 11.53 16.20 -4.88
N ALA A 280 10.79 16.88 -5.75
CA ALA A 280 10.55 16.44 -7.14
C ALA A 280 11.88 16.45 -7.92
N ALA A 281 12.73 17.45 -7.72
CA ALA A 281 14.08 17.52 -8.33
C ALA A 281 14.91 16.33 -7.86
N ARG A 282 14.94 16.05 -6.56
CA ARG A 282 15.73 14.92 -5.99
C ARG A 282 15.21 13.61 -6.63
N CYS A 283 13.89 13.47 -6.72
CA CYS A 283 13.24 12.26 -7.30
C CYS A 283 13.65 12.07 -8.77
N MET A 284 13.54 13.11 -9.60
CA MET A 284 13.85 12.99 -11.06
C MET A 284 15.33 12.66 -11.25
N LYS A 285 16.21 13.26 -10.43
CA LYS A 285 17.68 13.01 -10.53
C LYS A 285 17.95 11.56 -10.17
N ASN A 286 17.31 11.04 -9.11
CA ASN A 286 17.44 9.59 -8.75
C ASN A 286 17.03 8.71 -9.94
N ALA A 287 15.88 9.01 -10.59
CA ALA A 287 15.35 8.24 -11.75
C ALA A 287 16.32 8.33 -12.95
N LEU A 288 16.90 9.50 -13.24
CA LEU A 288 17.78 9.66 -14.42
C LEU A 288 19.10 8.93 -14.16
N ARG A 289 19.61 8.99 -12.93
CA ARG A 289 20.85 8.25 -12.55
C ARG A 289 20.57 6.74 -12.64
N ASP A 290 19.42 6.29 -12.13
CA ASP A 290 18.95 4.89 -12.21
C ASP A 290 18.90 4.44 -13.67
N ALA A 291 18.51 5.30 -14.61
CA ALA A 291 18.38 4.96 -16.03
C ALA A 291 19.74 5.10 -16.77
N GLY A 292 20.81 5.55 -16.11
CA GLY A 292 22.13 5.74 -16.71
C GLY A 292 22.09 6.78 -17.80
N LEU A 293 21.31 7.85 -17.61
CA LEU A 293 21.04 8.85 -18.67
C LEU A 293 21.76 10.18 -18.38
N ASP A 294 22.15 10.84 -19.46
CA ASP A 294 22.35 12.30 -19.53
C ASP A 294 20.96 12.94 -19.49
N PRO A 295 20.69 13.90 -18.59
CA PRO A 295 19.39 14.56 -18.55
C PRO A 295 18.99 15.14 -19.91
N ARG A 296 19.96 15.55 -20.75
CA ARG A 296 19.64 16.07 -22.11
C ARG A 296 18.98 15.01 -23.01
N GLN A 297 18.94 13.72 -22.62
CA GLN A 297 18.28 12.67 -23.43
C GLN A 297 16.75 12.77 -23.24
N VAL A 298 16.27 13.41 -22.17
CA VAL A 298 14.80 13.52 -21.90
C VAL A 298 14.13 14.40 -22.96
N ASP A 299 13.18 13.82 -23.71
CA ASP A 299 12.40 14.50 -24.79
C ASP A 299 11.02 14.94 -24.31
N TYR A 300 10.36 14.14 -23.49
CA TYR A 300 8.95 14.39 -23.07
C TYR A 300 8.81 14.15 -21.58
N ILE A 301 8.12 15.04 -20.86
CA ILE A 301 7.73 14.80 -19.45
C ILE A 301 6.20 14.84 -19.35
N ASN A 302 5.58 13.76 -18.90
CA ASN A 302 4.17 13.78 -18.47
C ASN A 302 4.19 14.28 -17.03
N ALA A 303 3.92 15.58 -16.86
CA ALA A 303 3.96 16.23 -15.54
C ALA A 303 2.90 15.62 -14.61
N HIS A 304 3.04 15.79 -13.31
CA HIS A 304 1.91 15.58 -12.37
C HIS A 304 0.82 16.60 -12.76
N GLY A 305 1.18 17.90 -12.82
CA GLY A 305 0.34 18.98 -13.39
C GLY A 305 -1.11 18.90 -12.92
N THR A 306 -1.32 19.04 -11.61
CA THR A 306 -2.64 18.84 -10.95
C THR A 306 -3.59 20.03 -11.18
N SER A 307 -3.09 21.19 -11.60
CA SER A 307 -3.90 22.44 -11.64
C SER A 307 -4.10 23.02 -10.23
N THR A 308 -3.20 22.76 -9.30
CA THR A 308 -3.12 23.54 -8.04
C THR A 308 -2.15 24.69 -8.25
N PRO A 309 -2.41 25.86 -7.63
CA PRO A 309 -1.43 26.95 -7.64
C PRO A 309 -0.01 26.51 -7.26
N ALA A 310 0.19 25.88 -6.11
CA ALA A 310 1.55 25.57 -5.60
C ALA A 310 2.16 24.39 -6.36
N GLY A 311 1.40 23.34 -6.61
CA GLY A 311 1.93 22.11 -7.25
C GLY A 311 2.52 22.39 -8.62
N ASP A 312 1.78 23.11 -9.46
CA ASP A 312 2.13 23.39 -10.87
C ASP A 312 3.45 24.19 -10.89
N ILE A 313 3.57 25.22 -10.07
CA ILE A 313 4.77 26.10 -10.10
C ILE A 313 5.99 25.33 -9.55
N ALA A 314 5.81 24.52 -8.52
CA ALA A 314 6.86 23.65 -7.96
C ALA A 314 7.46 22.75 -9.06
N GLU A 315 6.63 22.22 -9.96
CA GLU A 315 7.08 21.28 -11.03
C GLU A 315 7.93 22.03 -12.04
N ILE A 316 7.55 23.26 -12.40
CA ILE A 316 8.39 24.09 -13.31
C ILE A 316 9.77 24.29 -12.65
N ALA A 317 9.77 24.70 -11.38
CA ALA A 317 11.02 24.95 -10.62
C ALA A 317 11.86 23.66 -10.65
N ALA A 318 11.25 22.49 -10.37
CA ALA A 318 11.97 21.20 -10.31
C ALA A 318 12.61 20.87 -11.65
N VAL A 319 11.84 21.01 -12.73
CA VAL A 319 12.30 20.69 -14.12
C VAL A 319 13.44 21.65 -14.52
N LYS A 320 13.29 22.96 -14.28
CA LYS A 320 14.37 23.95 -14.55
C LYS A 320 15.63 23.55 -13.77
N SER A 321 15.50 23.18 -12.51
CA SER A 321 16.64 22.83 -11.64
C SER A 321 17.36 21.58 -12.18
N VAL A 322 16.59 20.57 -12.61
CA VAL A 322 17.14 19.26 -13.05
C VAL A 322 17.75 19.42 -14.44
N PHE A 323 17.10 20.15 -15.32
CA PHE A 323 17.44 20.10 -16.76
C PHE A 323 18.18 21.35 -17.22
N GLY A 324 18.25 22.41 -16.40
CA GLY A 324 18.95 23.64 -16.75
C GLY A 324 18.50 24.11 -18.13
N GLU A 325 19.42 24.36 -19.05
CA GLU A 325 19.06 24.93 -20.39
C GLU A 325 18.26 23.90 -21.20
N HIS A 326 18.48 22.61 -20.99
CA HIS A 326 17.71 21.57 -21.73
C HIS A 326 16.20 21.64 -21.36
N ALA A 327 15.85 22.27 -20.24
CA ALA A 327 14.45 22.46 -19.81
C ALA A 327 13.64 23.13 -20.93
N HIS A 328 14.29 23.99 -21.72
CA HIS A 328 13.68 24.74 -22.85
C HIS A 328 13.57 23.88 -24.12
N ALA A 329 14.19 22.71 -24.21
CA ALA A 329 14.21 21.89 -25.45
C ALA A 329 13.19 20.74 -25.36
N LEU A 330 13.05 20.13 -24.19
CA LEU A 330 12.07 19.05 -23.95
C LEU A 330 10.64 19.63 -24.02
N SER A 331 9.65 18.75 -24.15
CA SER A 331 8.20 19.08 -24.04
C SER A 331 7.66 18.47 -22.75
N MET A 332 6.88 19.23 -22.02
CA MET A 332 6.21 18.77 -20.78
C MET A 332 4.73 19.12 -20.91
N SER A 333 3.86 18.18 -20.63
CA SER A 333 2.40 18.45 -20.66
C SER A 333 1.74 17.75 -19.49
N SER A 334 0.58 18.27 -19.09
CA SER A 334 -0.28 17.59 -18.11
C SER A 334 -1.54 17.09 -18.82
N THR A 335 -1.66 15.76 -18.92
CA THR A 335 -2.87 15.11 -19.48
C THR A 335 -4.02 15.26 -18.49
N LYS A 336 -3.74 15.71 -17.26
CA LYS A 336 -4.80 16.01 -16.26
C LYS A 336 -5.64 17.20 -16.73
N SER A 337 -5.09 18.03 -17.61
CA SER A 337 -5.86 19.08 -18.34
C SER A 337 -7.13 18.47 -18.95
N MET A 338 -7.08 17.19 -19.36
CA MET A 338 -8.19 16.49 -20.07
C MET A 338 -8.87 15.43 -19.19
N THR A 339 -8.09 14.67 -18.39
CA THR A 339 -8.59 13.49 -17.63
C THR A 339 -9.02 13.91 -16.23
N GLY A 340 -8.53 15.07 -15.76
CA GLY A 340 -8.52 15.40 -14.33
C GLY A 340 -7.59 14.46 -13.60
N HIS A 341 -7.69 14.46 -12.28
CA HIS A 341 -6.75 13.82 -11.34
C HIS A 341 -7.34 12.52 -10.81
N LEU A 342 -6.80 11.39 -11.28
CA LEU A 342 -7.31 10.02 -10.96
C LEU A 342 -6.62 9.56 -9.69
N LEU A 343 -5.93 10.47 -9.00
CA LEU A 343 -5.41 10.23 -7.63
C LEU A 343 -4.48 9.02 -7.73
N GLY A 344 -4.75 7.95 -7.00
CA GLY A 344 -3.85 6.77 -7.00
C GLY A 344 -3.73 6.11 -8.37
N ALA A 345 -4.66 6.35 -9.29
CA ALA A 345 -4.64 5.82 -10.67
C ALA A 345 -3.94 6.81 -11.62
N ALA A 346 -3.66 8.05 -11.18
CA ALA A 346 -3.04 9.08 -12.04
C ALA A 346 -1.72 8.56 -12.63
N GLY A 347 -0.83 8.01 -11.81
CA GLY A 347 0.51 7.61 -12.30
C GLY A 347 0.37 6.44 -13.27
N ALA A 348 -0.66 5.62 -13.11
CA ALA A 348 -0.85 4.41 -13.93
C ALA A 348 -1.31 4.83 -15.34
N VAL A 349 -2.37 5.66 -15.43
CA VAL A 349 -2.85 6.10 -16.76
C VAL A 349 -1.76 6.97 -17.42
N GLU A 350 -1.05 7.78 -16.64
CA GLU A 350 -0.01 8.68 -17.16
C GLU A 350 1.19 7.88 -17.62
N ALA A 351 1.54 6.79 -16.94
CA ALA A 351 2.62 5.90 -17.45
C ALA A 351 2.21 5.34 -18.83
N ILE A 352 0.92 5.01 -19.01
CA ILE A 352 0.45 4.47 -20.31
C ILE A 352 0.55 5.57 -21.37
N PHE A 353 0.17 6.80 -21.03
CA PHE A 353 0.21 7.92 -21.99
C PHE A 353 1.68 8.19 -22.35
N SER A 354 2.60 8.08 -21.39
CA SER A 354 4.05 8.26 -21.62
C SER A 354 4.55 7.20 -22.60
N VAL A 355 4.12 5.95 -22.44
CA VAL A 355 4.50 4.84 -23.34
C VAL A 355 3.92 5.11 -24.74
N LEU A 356 2.67 5.57 -24.85
CA LEU A 356 2.04 5.81 -26.18
C LEU A 356 2.66 7.06 -26.81
N ALA A 357 3.11 8.03 -26.00
CA ALA A 357 3.89 9.18 -26.52
C ALA A 357 5.12 8.63 -27.25
N LEU A 358 5.78 7.61 -26.70
CA LEU A 358 6.95 6.97 -27.34
C LEU A 358 6.51 6.21 -28.60
N ARG A 359 5.43 5.41 -28.56
CA ARG A 359 5.02 4.61 -29.73
C ARG A 359 4.69 5.54 -30.89
N ASP A 360 3.97 6.63 -30.64
CA ASP A 360 3.36 7.49 -31.69
C ASP A 360 4.20 8.74 -31.95
N GLN A 361 5.25 8.99 -31.20
CA GLN A 361 6.16 10.15 -31.39
C GLN A 361 5.35 11.44 -31.38
N VAL A 362 4.63 11.65 -30.30
CA VAL A 362 3.74 12.82 -30.14
C VAL A 362 3.64 13.15 -28.64
N ALA A 363 3.83 14.41 -28.31
CA ALA A 363 3.57 15.00 -27.00
C ALA A 363 2.09 15.35 -26.93
N PRO A 364 1.34 14.75 -26.00
CA PRO A 364 -0.03 15.17 -25.72
C PRO A 364 -0.10 16.62 -25.28
N PRO A 365 -1.24 17.31 -25.54
CA PRO A 365 -1.40 18.69 -25.15
C PRO A 365 -1.70 18.90 -23.65
N THR A 366 -1.40 20.09 -23.17
CA THR A 366 -2.01 20.65 -21.93
C THR A 366 -3.15 21.54 -22.43
N ILE A 367 -4.38 21.04 -22.45
CA ILE A 367 -5.52 21.90 -22.86
C ILE A 367 -5.73 22.96 -21.78
N ASN A 368 -6.42 24.03 -22.15
CA ASN A 368 -6.89 25.11 -21.24
C ASN A 368 -5.76 26.04 -20.83
N LEU A 369 -4.57 25.92 -21.42
CA LEU A 369 -3.41 26.76 -21.01
C LEU A 369 -3.49 28.07 -21.79
N ASP A 370 -4.44 28.94 -21.45
CA ASP A 370 -4.74 30.18 -22.20
C ASP A 370 -3.69 31.24 -21.84
N ASN A 371 -3.37 31.37 -20.56
CA ASN A 371 -2.47 32.42 -20.02
C ASN A 371 -1.51 31.78 -19.03
N PRO A 372 -0.37 31.24 -19.53
CA PRO A 372 0.63 30.65 -18.65
C PRO A 372 0.99 31.61 -17.51
N ASP A 373 1.14 31.07 -16.31
CA ASP A 373 1.40 31.89 -15.11
C ASP A 373 2.86 32.35 -15.09
N GLU A 374 3.16 33.29 -14.20
CA GLU A 374 4.53 33.79 -13.94
C GLU A 374 5.47 32.57 -13.90
N GLY A 375 6.42 32.53 -14.84
CA GLY A 375 7.60 31.62 -14.83
C GLY A 375 7.31 30.29 -15.50
N CYS A 376 6.07 30.05 -15.96
CA CYS A 376 5.65 28.80 -16.64
C CYS A 376 5.91 28.96 -18.14
N ASP A 377 7.19 29.09 -18.52
CA ASP A 377 7.59 29.55 -19.87
C ASP A 377 8.38 28.45 -20.59
N LEU A 378 8.15 27.20 -20.22
CA LEU A 378 8.69 26.01 -20.91
C LEU A 378 7.76 25.68 -22.08
N ASP A 379 8.18 24.76 -22.94
CA ASP A 379 7.25 24.13 -23.90
C ASP A 379 6.27 23.25 -23.10
N LEU A 380 5.08 23.76 -22.82
CA LEU A 380 4.04 23.02 -22.07
C LEU A 380 2.99 22.42 -23.02
N VAL A 381 3.27 22.41 -24.32
CA VAL A 381 2.41 21.82 -25.38
C VAL A 381 0.98 22.37 -25.25
N ALA A 382 0.85 23.68 -25.10
CA ALA A 382 -0.45 24.37 -24.92
C ALA A 382 -1.40 23.97 -26.06
N HIS A 383 -2.62 23.55 -25.72
CA HIS A 383 -3.81 23.47 -26.61
C HIS A 383 -3.80 22.24 -27.54
N GLU A 384 -2.71 21.94 -28.24
CA GLU A 384 -2.69 20.97 -29.37
C GLU A 384 -1.49 20.02 -29.28
N ALA A 385 -1.74 18.75 -29.61
CA ALA A 385 -0.72 17.67 -29.59
C ALA A 385 0.43 18.11 -30.48
N LYS A 386 1.68 17.83 -30.08
CA LYS A 386 2.90 18.25 -30.83
C LYS A 386 3.66 17.00 -31.26
N PRO A 387 3.53 16.58 -32.55
CA PRO A 387 4.38 15.54 -33.11
C PRO A 387 5.84 15.95 -32.94
N ARG A 388 6.71 15.05 -32.49
CA ARG A 388 8.12 15.38 -32.18
C ARG A 388 8.89 14.10 -31.88
N LYS A 389 10.21 14.21 -31.97
CA LYS A 389 11.11 13.08 -31.64
C LYS A 389 11.04 12.86 -30.11
N ILE A 390 10.74 11.62 -29.72
CA ILE A 390 10.72 11.21 -28.30
C ILE A 390 11.43 9.86 -28.19
N ASP A 391 12.65 9.87 -27.66
CA ASP A 391 13.37 8.62 -27.34
C ASP A 391 13.18 8.28 -25.85
N VAL A 392 13.07 9.30 -25.00
CA VAL A 392 13.02 9.12 -23.53
C VAL A 392 11.89 9.97 -22.99
N ALA A 393 11.00 9.34 -22.22
CA ALA A 393 9.81 9.97 -21.64
C ALA A 393 9.85 9.73 -20.14
N LEU A 394 9.51 10.77 -19.38
N LEU A 394 9.67 10.81 -19.37
CA LEU A 394 9.49 10.78 -17.91
CA LEU A 394 9.46 10.78 -17.90
C LEU A 394 8.05 11.03 -17.45
C LEU A 394 7.96 10.83 -17.60
N SER A 395 7.57 10.26 -16.46
CA SER A 395 6.24 10.45 -15.85
C SER A 395 6.44 10.77 -14.38
N ASN A 396 6.00 11.94 -13.93
CA ASN A 396 6.14 12.35 -12.50
C ASN A 396 4.81 12.24 -11.74
N SER A 397 4.90 11.94 -10.44
CA SER A 397 3.76 11.98 -9.51
C SER A 397 4.33 12.52 -8.20
N PHE A 398 3.51 13.33 -7.51
N PHE A 398 3.54 13.34 -7.50
CA PHE A 398 3.77 13.87 -6.15
CA PHE A 398 3.82 13.78 -6.11
C PHE A 398 2.49 13.63 -5.33
C PHE A 398 2.52 13.70 -5.31
N GLY A 399 2.62 13.43 -4.01
CA GLY A 399 1.44 13.17 -3.16
C GLY A 399 1.56 13.74 -1.77
N PHE A 400 0.41 13.78 -1.09
CA PHE A 400 0.31 13.98 0.37
C PHE A 400 1.39 13.16 1.06
N GLY A 401 2.02 13.74 2.09
CA GLY A 401 3.13 13.11 2.82
C GLY A 401 4.47 13.44 2.19
N GLY A 402 4.49 14.27 1.17
CA GLY A 402 5.70 14.68 0.42
C GLY A 402 6.29 13.53 -0.36
N THR A 403 5.44 12.61 -0.83
N THR A 403 5.41 12.59 -0.72
CA THR A 403 5.87 11.35 -1.48
CA THR A 403 5.75 11.40 -1.55
C THR A 403 5.96 11.58 -3.01
C THR A 403 6.13 11.92 -2.95
N ASN A 404 7.13 11.30 -3.59
CA ASN A 404 7.46 11.60 -5.01
C ASN A 404 7.81 10.29 -5.74
N GLY A 405 7.42 10.20 -7.01
CA GLY A 405 7.81 9.10 -7.90
C GLY A 405 8.07 9.60 -9.29
N THR A 406 9.07 9.02 -9.95
CA THR A 406 9.39 9.32 -11.36
C THR A 406 9.62 7.98 -12.05
N LEU A 407 9.01 7.78 -13.20
CA LEU A 407 9.33 6.63 -14.08
C LEU A 407 9.99 7.15 -15.36
N VAL A 408 11.00 6.43 -15.83
CA VAL A 408 11.71 6.76 -17.08
C VAL A 408 11.53 5.59 -18.04
N PHE A 409 10.95 5.90 -19.19
CA PHE A 409 10.66 4.96 -20.28
C PHE A 409 11.49 5.41 -21.49
N ARG A 410 11.86 4.48 -22.34
CA ARG A 410 12.51 4.80 -23.64
C ARG A 410 12.10 3.77 -24.68
N ARG A 411 12.27 4.12 -25.95
CA ARG A 411 12.00 3.22 -27.10
C ARG A 411 12.84 1.95 -26.96
N PHE A 412 12.25 0.82 -27.33
CA PHE A 412 12.96 -0.49 -27.44
C PHE A 412 13.07 -0.86 -28.92
N ALA A 413 14.28 -1.16 -29.40
CA ALA A 413 14.58 -1.58 -30.80
C ALA A 413 14.80 -3.09 -30.86
N SER B 2 25.13 -9.17 -6.22
CA SER B 2 25.18 -9.41 -4.74
C SER B 2 24.20 -8.48 -3.99
N ARG B 3 24.25 -8.51 -2.66
CA ARG B 3 23.20 -8.00 -1.75
C ARG B 3 23.85 -7.57 -0.43
N ARG B 4 23.46 -6.45 0.14
CA ARG B 4 23.98 -6.05 1.48
C ARG B 4 23.17 -6.72 2.58
N ARG B 5 23.75 -6.82 3.76
CA ARG B 5 23.09 -7.49 4.90
C ARG B 5 22.29 -6.44 5.67
N VAL B 6 21.19 -6.88 6.27
CA VAL B 6 20.21 -5.98 6.98
C VAL B 6 20.03 -6.46 8.41
N VAL B 7 20.16 -5.55 9.36
CA VAL B 7 20.03 -5.89 10.79
C VAL B 7 18.95 -4.99 11.39
N ILE B 8 18.44 -5.38 12.55
CA ILE B 8 17.45 -4.62 13.35
C ILE B 8 18.18 -3.92 14.50
N THR B 9 18.12 -2.60 14.55
CA THR B 9 18.84 -1.77 15.54
C THR B 9 17.87 -0.98 16.42
N GLY B 10 16.56 -0.99 16.11
CA GLY B 10 15.57 -0.30 16.95
C GLY B 10 14.18 -0.90 16.78
N MET B 11 13.43 -0.99 17.87
CA MET B 11 12.03 -1.48 17.80
C MET B 11 11.13 -0.60 18.66
N GLY B 12 9.87 -0.49 18.25
CA GLY B 12 8.82 0.29 18.95
C GLY B 12 7.45 -0.34 18.80
N MET B 13 6.56 -0.14 19.76
CA MET B 13 5.28 -0.89 19.75
C MET B 13 4.25 -0.19 20.62
N LEU B 14 2.99 -0.22 20.19
CA LEU B 14 1.78 -0.15 21.03
C LEU B 14 1.01 -1.46 20.84
N SER B 15 0.60 -2.11 21.91
CA SER B 15 -0.19 -3.35 21.79
C SER B 15 -1.23 -3.40 22.90
N PRO B 16 -2.14 -4.36 22.83
CA PRO B 16 -3.07 -4.60 23.93
C PRO B 16 -2.35 -5.00 25.23
N LEU B 17 -1.05 -5.30 25.17
CA LEU B 17 -0.27 -5.75 26.35
C LEU B 17 0.53 -4.60 26.96
N GLY B 18 0.71 -3.48 26.26
CA GLY B 18 1.65 -2.46 26.78
C GLY B 18 1.88 -1.32 25.81
N LEU B 19 2.45 -0.24 26.32
CA LEU B 19 2.66 1.01 25.54
C LEU B 19 4.09 1.05 24.99
N ASP B 20 4.83 -0.05 25.06
CA ASP B 20 6.21 -0.10 24.51
C ASP B 20 6.57 -1.57 24.33
N VAL B 21 7.76 -1.85 23.85
CA VAL B 21 8.19 -3.24 23.58
C VAL B 21 8.37 -4.01 24.89
N PRO B 22 9.20 -3.54 25.83
CA PRO B 22 9.54 -4.38 26.98
C PRO B 22 8.29 -4.69 27.81
N SER B 23 7.34 -3.77 27.94
CA SER B 23 6.08 -4.04 28.68
C SER B 23 5.24 -5.09 27.92
N SER B 24 5.06 -4.91 26.61
CA SER B 24 4.35 -5.90 25.74
C SER B 24 5.00 -7.28 25.88
N TRP B 25 6.35 -7.34 25.74
CA TRP B 25 7.13 -8.60 25.75
C TRP B 25 7.01 -9.31 27.10
N GLU B 26 7.04 -8.56 28.20
CA GLU B 26 6.80 -9.09 29.56
C GLU B 26 5.44 -9.78 29.62
N GLY B 27 4.38 -9.17 29.07
CA GLY B 27 3.03 -9.76 29.02
C GLY B 27 3.04 -11.07 28.25
N ILE B 28 3.75 -11.10 27.12
CA ILE B 28 3.85 -12.26 26.19
C ILE B 28 4.49 -13.44 26.91
N LEU B 29 5.60 -13.20 27.61
CA LEU B 29 6.34 -14.30 28.29
C LEU B 29 5.58 -14.77 29.54
N ALA B 30 4.70 -13.96 30.12
CA ALA B 30 3.84 -14.34 31.26
C ALA B 30 2.49 -14.92 30.79
N GLY B 31 2.23 -15.06 29.50
CA GLY B 31 0.95 -15.61 29.03
C GLY B 31 -0.24 -14.73 29.39
N ARG B 32 -0.03 -13.43 29.51
CA ARG B 32 -1.13 -12.47 29.83
C ARG B 32 -1.93 -12.19 28.54
N SER B 33 -3.23 -12.06 28.68
CA SER B 33 -4.18 -11.60 27.63
C SER B 33 -4.36 -10.08 27.74
N GLY B 34 -4.43 -9.40 26.60
CA GLY B 34 -4.77 -7.97 26.53
C GLY B 34 -6.19 -7.79 26.05
N ILE B 35 -6.99 -8.87 26.05
CA ILE B 35 -8.36 -8.86 25.46
C ILE B 35 -9.38 -8.53 26.56
N ALA B 36 -10.31 -7.64 26.27
CA ALA B 36 -11.31 -7.18 27.25
C ALA B 36 -12.50 -6.58 26.50
N PRO B 37 -13.69 -6.49 27.15
CA PRO B 37 -14.81 -5.76 26.59
C PRO B 37 -14.33 -4.36 26.21
N ILE B 38 -14.80 -3.90 25.07
CA ILE B 38 -14.43 -2.56 24.53
C ILE B 38 -15.24 -1.51 25.26
N GLU B 39 -14.58 -0.46 25.75
CA GLU B 39 -15.21 0.58 26.59
C GLU B 39 -15.50 1.83 25.74
N HIS B 40 -16.36 2.71 26.27
CA HIS B 40 -16.74 4.03 25.71
C HIS B 40 -17.23 3.82 24.28
N MET B 41 -18.27 2.98 24.15
CA MET B 41 -18.80 2.52 22.84
C MET B 41 -19.94 1.50 23.09
N ASP B 42 -21.15 1.77 22.60
CA ASP B 42 -22.33 0.90 22.81
C ASP B 42 -22.28 -0.23 21.77
N LEU B 43 -21.82 -1.42 22.16
CA LEU B 43 -21.73 -2.59 21.25
C LEU B 43 -22.90 -3.55 21.49
N SER B 44 -23.98 -3.10 22.14
CA SER B 44 -25.17 -3.93 22.48
C SER B 44 -25.67 -4.70 21.25
N ALA B 45 -25.80 -4.03 20.11
CA ALA B 45 -26.41 -4.62 18.89
C ALA B 45 -25.42 -5.51 18.13
N TYR B 46 -24.17 -5.62 18.60
CA TYR B 46 -23.07 -6.34 17.91
C TYR B 46 -22.91 -7.74 18.50
N SER B 47 -22.52 -8.72 17.69
CA SER B 47 -22.33 -10.13 18.17
C SER B 47 -20.97 -10.30 18.87
N THR B 48 -20.02 -9.36 18.68
CA THR B 48 -18.73 -9.30 19.42
C THR B 48 -18.62 -7.94 20.14
N ARG B 49 -18.32 -7.96 21.42
CA ARG B 49 -18.28 -6.75 22.30
C ARG B 49 -16.90 -6.60 22.96
N PHE B 50 -15.93 -7.38 22.52
CA PHE B 50 -14.58 -7.38 23.12
C PHE B 50 -13.51 -7.33 22.01
N GLY B 51 -12.29 -7.05 22.43
CA GLY B 51 -11.09 -7.11 21.57
C GLY B 51 -9.87 -6.60 22.31
N GLY B 52 -8.78 -6.39 21.55
CA GLY B 52 -7.51 -5.88 22.10
C GLY B 52 -7.38 -4.38 21.89
N SER B 53 -7.67 -3.59 22.91
CA SER B 53 -7.57 -2.12 22.86
C SER B 53 -6.19 -1.70 23.36
N VAL B 54 -5.64 -0.60 22.85
CA VAL B 54 -4.43 0.03 23.49
C VAL B 54 -4.94 0.82 24.70
N LYS B 55 -4.40 0.57 25.88
CA LYS B 55 -4.88 1.16 27.16
C LYS B 55 -3.93 2.26 27.66
N GLY B 56 -4.46 3.47 27.85
CA GLY B 56 -3.76 4.62 28.47
C GLY B 56 -2.75 5.28 27.53
N PHE B 57 -2.94 5.19 26.21
CA PHE B 57 -2.05 5.84 25.22
C PHE B 57 -2.15 7.36 25.38
N ASN B 58 -1.00 7.99 25.53
CA ASN B 58 -0.89 9.46 25.66
C ASN B 58 -0.15 9.99 24.44
N VAL B 59 -0.90 10.44 23.43
CA VAL B 59 -0.36 10.95 22.14
C VAL B 59 0.51 12.20 22.40
N GLU B 60 0.25 12.96 23.47
CA GLU B 60 1.00 14.21 23.77
C GLU B 60 2.45 13.92 24.21
N GLU B 61 2.83 12.67 24.44
CA GLU B 61 4.26 12.31 24.57
C GLU B 61 4.95 12.44 23.19
N TYR B 62 4.20 12.44 22.10
CA TYR B 62 4.77 12.38 20.71
C TYR B 62 4.45 13.66 19.96
N LEU B 63 3.23 14.16 20.08
CA LEU B 63 2.70 15.29 19.26
C LEU B 63 2.05 16.33 20.16
N SER B 64 1.98 17.56 19.68
CA SER B 64 1.11 18.59 20.30
C SER B 64 -0.35 18.13 20.17
N ALA B 65 -1.21 18.62 21.06
CA ALA B 65 -2.68 18.35 21.00
C ALA B 65 -3.19 18.68 19.59
N LYS B 66 -2.75 19.83 19.10
CA LYS B 66 -3.25 20.40 17.83
C LYS B 66 -2.86 19.45 16.66
N GLU B 67 -1.62 18.99 16.61
N GLU B 67 -1.58 19.06 16.61
CA GLU B 67 -1.18 18.10 15.50
CA GLU B 67 -1.01 18.06 15.66
C GLU B 67 -1.88 16.73 15.65
C GLU B 67 -1.90 16.81 15.69
N ALA B 68 -2.08 16.24 16.87
CA ALA B 68 -2.79 14.97 17.11
C ALA B 68 -4.24 15.06 16.62
N ARG B 69 -4.91 16.22 16.74
CA ARG B 69 -6.34 16.36 16.33
C ARG B 69 -6.47 16.13 14.82
N LYS B 70 -5.38 16.26 14.07
CA LYS B 70 -5.42 16.20 12.60
C LYS B 70 -5.35 14.74 12.14
N LEU B 71 -5.03 13.80 13.04
CA LEU B 71 -4.62 12.43 12.66
C LEU B 71 -5.53 11.36 13.26
N ASP B 72 -6.01 10.43 12.43
CA ASP B 72 -6.68 9.21 12.93
C ASP B 72 -5.81 8.53 13.98
N LEU B 73 -6.44 7.83 14.91
CA LEU B 73 -5.74 7.00 15.92
C LEU B 73 -4.75 6.04 15.21
N PHE B 74 -5.06 5.43 14.05
CA PHE B 74 -4.10 4.44 13.48
C PHE B 74 -2.78 5.16 13.12
N ILE B 75 -2.86 6.41 12.67
CA ILE B 75 -1.64 7.23 12.39
C ILE B 75 -0.91 7.59 13.70
N GLN B 76 -1.65 7.99 14.73
CA GLN B 76 -1.05 8.31 16.05
C GLN B 76 -0.27 7.07 16.51
N TYR B 77 -0.87 5.88 16.40
CA TYR B 77 -0.23 4.64 16.90
C TYR B 77 1.04 4.36 16.11
N GLY B 78 0.96 4.49 14.77
CA GLY B 78 2.11 4.20 13.91
C GLY B 78 3.26 5.16 14.19
N LEU B 79 2.93 6.43 14.41
CA LEU B 79 3.93 7.47 14.76
C LEU B 79 4.55 7.14 16.11
N ALA B 80 3.77 6.72 17.10
CA ALA B 80 4.29 6.36 18.44
C ALA B 80 5.31 5.23 18.30
N ALA B 81 4.93 4.14 17.62
CA ALA B 81 5.85 2.99 17.40
C ALA B 81 7.12 3.48 16.69
N SER B 82 6.96 4.30 15.65
CA SER B 82 8.07 4.80 14.78
C SER B 82 9.03 5.66 15.60
N PHE B 83 8.50 6.58 16.40
CA PHE B 83 9.35 7.46 17.22
C PHE B 83 10.11 6.60 18.23
N GLN B 84 9.42 5.63 18.84
CA GLN B 84 10.08 4.72 19.82
C GLN B 84 11.24 3.99 19.14
N ALA B 85 11.02 3.44 17.96
CA ALA B 85 11.98 2.58 17.24
C ALA B 85 13.21 3.43 16.89
N VAL B 86 13.00 4.63 16.35
CA VAL B 86 14.12 5.54 16.00
C VAL B 86 14.92 5.92 17.27
N ARG B 87 14.26 6.29 18.36
CA ARG B 87 14.90 6.52 19.68
C ARG B 87 15.72 5.28 20.10
N ASP B 88 15.12 4.11 20.03
CA ASP B 88 15.75 2.83 20.48
C ASP B 88 17.02 2.55 19.65
N SER B 89 17.06 3.01 18.40
CA SER B 89 18.16 2.71 17.46
C SER B 89 19.37 3.61 17.75
N GLY B 90 19.12 4.80 18.31
CA GLY B 90 20.17 5.78 18.62
C GLY B 90 20.65 6.48 17.35
N LEU B 91 19.93 6.36 16.24
CA LEU B 91 20.38 6.90 14.95
C LEU B 91 20.30 8.43 14.99
N GLU B 92 21.33 9.07 14.48
CA GLU B 92 21.41 10.54 14.31
C GLU B 92 21.18 10.83 12.83
N VAL B 93 20.05 11.44 12.52
CA VAL B 93 19.72 11.94 11.15
C VAL B 93 20.51 13.23 10.91
N THR B 94 21.21 13.31 9.77
CA THR B 94 22.05 14.48 9.37
C THR B 94 21.79 14.82 7.91
N ASP B 95 22.28 15.97 7.52
CA ASP B 95 22.32 16.41 6.11
C ASP B 95 23.09 15.36 5.30
N ALA B 96 24.10 14.69 5.86
CA ALA B 96 24.95 13.71 5.16
C ALA B 96 24.20 12.39 4.96
N ASN B 97 23.15 12.05 5.73
CA ASN B 97 22.52 10.72 5.59
C ASN B 97 21.01 10.80 5.35
N ARG B 98 20.37 11.98 5.35
CA ARG B 98 18.89 12.00 5.42
C ARG B 98 18.29 11.44 4.10
N GLU B 99 19.00 11.54 2.96
CA GLU B 99 18.51 10.99 1.68
C GLU B 99 18.61 9.46 1.69
N ARG B 100 19.28 8.89 2.70
CA ARG B 100 19.49 7.42 2.76
C ARG B 100 18.58 6.79 3.81
N ILE B 101 17.66 7.56 4.39
CA ILE B 101 16.76 7.08 5.48
C ILE B 101 15.32 7.26 4.99
N GLY B 102 14.58 6.15 4.90
CA GLY B 102 13.20 6.13 4.41
C GLY B 102 12.27 5.47 5.39
N VAL B 103 11.00 5.37 4.97
N VAL B 103 11.01 5.31 4.98
CA VAL B 103 9.88 4.89 5.81
CA VAL B 103 9.94 4.81 5.87
C VAL B 103 8.92 4.06 4.96
C VAL B 103 8.86 4.11 5.04
N SER B 104 8.45 2.94 5.52
CA SER B 104 7.37 2.12 4.94
C SER B 104 6.59 1.60 6.13
N MET B 105 5.68 2.42 6.63
CA MET B 105 4.69 2.04 7.65
C MET B 105 3.33 1.92 6.96
N GLY B 106 2.68 0.76 7.12
CA GLY B 106 1.43 0.45 6.43
C GLY B 106 0.27 0.26 7.41
N SER B 107 -0.88 -0.03 6.82
CA SER B 107 -2.12 -0.37 7.55
C SER B 107 -3.02 -1.21 6.63
N GLY B 108 -3.80 -2.12 7.21
CA GLY B 108 -4.74 -2.94 6.45
C GLY B 108 -6.00 -2.18 6.11
N ILE B 109 -6.55 -1.45 7.10
CA ILE B 109 -7.92 -0.83 7.06
C ILE B 109 -7.87 0.67 7.34
N GLY B 110 -6.75 1.21 7.82
CA GLY B 110 -6.53 2.67 7.97
C GLY B 110 -7.60 3.33 8.83
N GLY B 111 -8.14 4.46 8.37
CA GLY B 111 -8.75 5.48 9.23
C GLY B 111 -10.26 5.31 9.43
N LEU B 112 -10.70 4.14 9.89
CA LEU B 112 -12.13 3.81 10.11
C LEU B 112 -12.79 4.68 11.17
N THR B 113 -12.14 4.93 12.31
CA THR B 113 -12.66 5.81 13.39
C THR B 113 -13.01 7.18 12.78
N ASN B 114 -12.07 7.75 12.02
N ASN B 114 -12.10 7.73 11.98
CA ASN B 114 -12.22 9.06 11.33
CA ASN B 114 -12.29 9.08 11.37
C ASN B 114 -13.37 8.98 10.31
C ASN B 114 -13.36 9.01 10.27
N ILE B 115 -13.35 7.98 9.44
CA ILE B 115 -14.40 7.77 8.39
C ILE B 115 -15.77 7.74 9.08
N GLU B 116 -15.89 6.99 10.16
CA GLU B 116 -17.13 6.82 10.96
C GLU B 116 -17.59 8.17 11.49
N ASN B 117 -16.71 8.93 12.17
CA ASN B 117 -17.05 10.25 12.75
C ASN B 117 -17.43 11.23 11.63
N ASN B 118 -16.83 11.15 10.44
CA ASN B 118 -17.12 12.11 9.34
C ASN B 118 -18.40 11.71 8.58
N CYS B 119 -18.75 10.42 8.51
CA CYS B 119 -20.06 9.94 7.99
C CYS B 119 -21.21 10.48 8.83
N ARG B 120 -21.05 10.41 10.16
CA ARG B 120 -22.02 10.97 11.14
C ARG B 120 -22.33 12.40 10.70
N SER B 121 -21.31 13.27 10.70
CA SER B 121 -21.41 14.70 10.26
C SER B 121 -22.08 14.78 8.88
N LEU B 122 -21.61 14.01 7.90
CA LEU B 122 -22.11 14.08 6.49
C LEU B 122 -23.61 13.76 6.42
N PHE B 123 -24.07 12.67 7.04
CA PHE B 123 -25.48 12.21 6.97
C PHE B 123 -26.38 13.17 7.75
N GLU B 124 -25.93 13.64 8.92
CA GLU B 124 -26.71 14.49 9.87
C GLU B 124 -26.79 15.95 9.38
N GLN B 125 -25.64 16.53 9.00
N GLN B 125 -25.66 16.56 9.00
CA GLN B 125 -25.46 17.98 8.76
CA GLN B 125 -25.60 18.02 8.68
C GLN B 125 -25.05 18.30 7.31
C GLN B 125 -24.89 18.30 7.35
N GLY B 126 -24.70 17.29 6.49
CA GLY B 126 -24.18 17.52 5.11
C GLY B 126 -22.68 17.80 5.07
N PRO B 127 -22.07 17.97 3.86
CA PRO B 127 -20.62 18.02 3.70
C PRO B 127 -19.87 19.16 4.42
N ARG B 128 -20.53 20.25 4.78
CA ARG B 128 -19.83 21.47 5.27
C ARG B 128 -19.30 21.25 6.69
N ARG B 129 -19.71 20.19 7.38
CA ARG B 129 -19.10 19.83 8.70
C ARG B 129 -17.98 18.79 8.54
N ILE B 130 -17.59 18.37 7.33
CA ILE B 130 -16.44 17.43 7.16
C ILE B 130 -15.16 18.22 7.50
N SER B 131 -14.30 17.65 8.34
CA SER B 131 -13.01 18.27 8.73
C SER B 131 -12.14 18.49 7.50
N PRO B 132 -11.49 19.68 7.42
CA PRO B 132 -10.49 19.96 6.40
C PRO B 132 -9.34 18.94 6.36
N PHE B 133 -9.07 18.28 7.49
CA PHE B 133 -7.94 17.34 7.62
C PHE B 133 -8.46 15.92 7.41
N PHE B 134 -9.72 15.76 7.04
CA PHE B 134 -10.33 14.43 6.84
C PHE B 134 -9.42 13.54 5.96
N VAL B 135 -9.07 13.98 4.76
CA VAL B 135 -8.34 13.12 3.79
C VAL B 135 -6.90 12.90 4.28
N PRO B 136 -6.08 13.95 4.52
CA PRO B 136 -4.68 13.69 4.85
C PRO B 136 -4.56 13.04 6.25
N GLY B 137 -5.55 13.27 7.12
CA GLY B 137 -5.59 12.69 8.48
C GLY B 137 -6.10 11.26 8.50
N SER B 138 -6.45 10.69 7.34
CA SER B 138 -7.05 9.34 7.27
C SER B 138 -6.27 8.42 6.31
N ILE B 139 -5.46 8.97 5.41
CA ILE B 139 -4.84 8.15 4.34
C ILE B 139 -3.71 7.32 4.95
N ILE B 140 -3.54 6.13 4.42
CA ILE B 140 -2.67 5.11 5.07
C ILE B 140 -1.20 5.57 4.98
N ASN B 141 -0.81 6.36 3.98
CA ASN B 141 0.62 6.75 3.81
C ASN B 141 0.99 7.92 4.72
N MET B 142 0.10 8.35 5.62
CA MET B 142 0.44 9.53 6.46
C MET B 142 1.30 9.16 7.67
N VAL B 143 1.45 7.90 8.06
CA VAL B 143 2.48 7.55 9.06
C VAL B 143 3.85 7.81 8.42
N SER B 144 4.11 7.24 7.24
CA SER B 144 5.36 7.48 6.48
C SER B 144 5.52 8.98 6.22
N GLY B 145 4.45 9.65 5.83
CA GLY B 145 4.50 11.08 5.52
C GLY B 145 4.87 11.91 6.73
N PHE B 146 4.17 11.72 7.86
CA PHE B 146 4.33 12.60 9.05
C PHE B 146 5.68 12.27 9.70
N LEU B 147 6.06 11.00 9.73
CA LEU B 147 7.38 10.60 10.26
C LEU B 147 8.50 11.27 9.46
N SER B 148 8.45 11.17 8.13
N SER B 148 8.45 11.16 8.12
CA SER B 148 9.48 11.77 7.21
CA SER B 148 9.43 11.76 7.18
C SER B 148 9.57 13.28 7.46
C SER B 148 9.56 13.26 7.44
N ILE B 149 8.43 13.97 7.57
CA ILE B 149 8.39 15.45 7.82
C ILE B 149 8.97 15.75 9.20
N HIS B 150 8.55 15.03 10.24
CA HIS B 150 9.02 15.31 11.62
C HIS B 150 10.55 15.09 11.72
N LEU B 151 11.11 14.04 11.13
CA LEU B 151 12.53 13.66 11.33
C LEU B 151 13.38 14.13 10.15
N GLY B 152 12.81 14.69 9.09
CA GLY B 152 13.58 15.14 7.93
C GLY B 152 14.11 13.97 7.11
N LEU B 153 13.33 12.90 6.97
CA LEU B 153 13.75 11.69 6.21
C LEU B 153 13.43 11.88 4.73
N GLN B 154 14.42 11.70 3.87
CA GLN B 154 14.27 11.99 2.43
C GLN B 154 14.49 10.75 1.58
N GLY B 155 14.71 9.59 2.21
CA GLY B 155 14.80 8.31 1.48
C GLY B 155 13.44 7.84 0.97
N PRO B 156 13.37 6.60 0.42
CA PRO B 156 12.14 6.03 -0.10
C PRO B 156 11.02 6.22 0.94
N ASN B 157 9.88 6.76 0.49
N ASN B 157 9.87 6.71 0.48
CA ASN B 157 8.71 7.06 1.36
CA ASN B 157 8.71 7.08 1.34
C ASN B 157 7.46 6.46 0.72
C ASN B 157 7.44 6.48 0.74
N TYR B 158 6.93 5.40 1.34
CA TYR B 158 5.76 4.67 0.78
C TYR B 158 5.04 3.94 1.91
N ALA B 159 3.95 3.29 1.53
CA ALA B 159 3.09 2.56 2.47
C ALA B 159 2.49 1.37 1.73
N LEU B 160 2.53 0.20 2.38
CA LEU B 160 1.87 -1.02 1.88
C LEU B 160 0.47 -1.10 2.50
N THR B 161 -0.44 -1.76 1.81
CA THR B 161 -1.72 -2.17 2.39
C THR B 161 -2.04 -3.54 1.78
N THR B 162 -1.76 -4.59 2.55
CA THR B 162 -1.98 -6.00 2.17
C THR B 162 -2.72 -6.67 3.30
N ALA B 163 -3.77 -6.00 3.77
CA ALA B 163 -4.65 -6.52 4.82
C ALA B 163 -3.84 -7.03 6.00
N GLN B 164 -4.10 -8.27 6.42
CA GLN B 164 -3.47 -8.90 7.60
C GLN B 164 -1.99 -9.22 7.31
N THR B 165 -1.47 -8.96 6.11
CA THR B 165 -0.06 -9.29 5.74
C THR B 165 0.78 -8.01 5.77
N THR B 166 0.13 -6.86 5.92
CA THR B 166 0.78 -5.54 5.75
C THR B 166 2.11 -5.46 6.50
N GLY B 167 2.12 -5.64 7.82
CA GLY B 167 3.31 -5.41 8.63
C GLY B 167 4.47 -6.28 8.12
N THR B 168 4.21 -7.52 7.73
CA THR B 168 5.28 -8.46 7.26
C THR B 168 5.83 -7.96 5.93
N HIS B 169 4.95 -7.60 5.00
CA HIS B 169 5.38 -7.12 3.68
C HIS B 169 6.15 -5.82 3.86
N SER B 170 5.67 -4.93 4.73
CA SER B 170 6.31 -3.59 4.89
C SER B 170 7.77 -3.80 5.29
N ILE B 171 7.98 -4.66 6.25
CA ILE B 171 9.35 -4.94 6.78
C ILE B 171 10.20 -5.64 5.72
N GLY B 172 9.64 -6.62 5.02
CA GLY B 172 10.39 -7.35 3.98
C GLY B 172 10.84 -6.45 2.85
N MET B 173 9.94 -5.61 2.35
N MET B 173 9.94 -5.62 2.34
CA MET B 173 10.24 -4.73 1.20
CA MET B 173 10.23 -4.72 1.22
C MET B 173 11.17 -3.58 1.64
C MET B 173 11.22 -3.63 1.66
N ALA B 174 11.08 -3.12 2.89
CA ALA B 174 12.05 -2.15 3.46
C ALA B 174 13.44 -2.82 3.48
N ALA B 175 13.52 -4.08 3.90
CA ALA B 175 14.78 -4.85 3.93
C ALA B 175 15.37 -4.92 2.52
N ARG B 176 14.55 -5.20 1.49
CA ARG B 176 14.99 -5.19 0.06
C ARG B 176 15.57 -3.82 -0.34
N ASN B 177 14.89 -2.73 0.05
CA ASN B 177 15.40 -1.36 -0.27
C ASN B 177 16.85 -1.27 0.20
N ILE B 178 17.13 -1.72 1.42
CA ILE B 178 18.49 -1.58 2.00
C ILE B 178 19.43 -2.56 1.28
N ALA B 179 19.01 -3.81 1.14
CA ALA B 179 19.83 -4.90 0.55
C ALA B 179 20.31 -4.52 -0.85
N TYR B 180 19.48 -3.84 -1.63
CA TYR B 180 19.78 -3.49 -3.03
C TYR B 180 20.27 -2.04 -3.15
N GLY B 181 20.56 -1.37 -2.02
CA GLY B 181 21.33 -0.12 -2.02
C GLY B 181 20.45 1.10 -2.29
N GLU B 182 19.13 0.98 -2.17
CA GLU B 182 18.18 2.11 -2.42
C GLU B 182 18.09 2.98 -1.16
N ALA B 183 18.46 2.44 0.01
CA ALA B 183 18.49 3.16 1.31
C ALA B 183 19.53 2.49 2.22
N ASP B 184 20.01 3.21 3.23
CA ASP B 184 20.85 2.58 4.29
C ASP B 184 20.01 2.29 5.50
N VAL B 185 18.91 3.01 5.70
CA VAL B 185 18.07 2.84 6.92
C VAL B 185 16.62 2.96 6.48
N MET B 186 15.77 2.10 7.04
CA MET B 186 14.30 2.22 6.87
C MET B 186 13.61 1.99 8.21
N VAL B 187 12.58 2.79 8.48
CA VAL B 187 11.61 2.54 9.58
C VAL B 187 10.43 1.79 8.94
N ALA B 188 10.10 0.59 9.40
CA ALA B 188 9.11 -0.24 8.71
C ALA B 188 8.23 -1.00 9.70
N GLY B 189 7.00 -1.28 9.30
CA GLY B 189 6.04 -1.93 10.19
C GLY B 189 4.63 -1.53 9.80
N GLY B 190 3.73 -1.44 10.78
CA GLY B 190 2.34 -1.15 10.46
C GLY B 190 1.58 -0.71 11.71
N SER B 191 0.38 -0.21 11.52
CA SER B 191 -0.48 0.26 12.61
C SER B 191 -1.95 0.08 12.21
N GLU B 192 -2.79 -0.06 13.21
CA GLU B 192 -4.20 -0.38 12.99
C GLU B 192 -5.02 0.07 14.20
N MET B 193 -6.19 0.64 13.93
N MET B 193 -6.21 0.60 13.91
CA MET B 193 -7.24 0.93 14.93
CA MET B 193 -7.24 0.98 14.90
C MET B 193 -8.59 0.77 14.23
C MET B 193 -8.61 0.79 14.23
N ALA B 194 -9.11 -0.44 14.25
CA ALA B 194 -10.34 -0.84 13.53
C ALA B 194 -11.44 -1.26 14.51
N ALA B 195 -11.30 -1.00 15.82
CA ALA B 195 -12.41 -1.12 16.81
C ALA B 195 -13.34 0.09 16.68
N CYS B 196 -13.96 0.27 15.53
CA CYS B 196 -15.13 1.15 15.39
C CYS B 196 -16.31 0.25 15.05
N GLY B 197 -17.50 0.83 14.92
CA GLY B 197 -18.71 0.11 14.50
C GLY B 197 -18.43 -0.64 13.21
N LEU B 198 -17.76 0.03 12.27
CA LEU B 198 -17.49 -0.50 10.93
C LEU B 198 -16.56 -1.72 11.02
N GLY B 199 -15.56 -1.70 11.90
CA GLY B 199 -14.59 -2.82 12.01
C GLY B 199 -15.24 -4.04 12.64
N LEU B 200 -15.80 -3.86 13.84
CA LEU B 200 -16.51 -4.93 14.58
C LEU B 200 -17.72 -5.38 13.77
N GLY B 201 -18.46 -4.44 13.19
CA GLY B 201 -19.62 -4.72 12.34
C GLY B 201 -19.22 -5.39 11.04
N GLY B 202 -18.16 -4.92 10.39
CA GLY B 202 -17.67 -5.44 9.10
C GLY B 202 -17.28 -6.91 9.20
N PHE B 203 -16.38 -7.21 10.13
CA PHE B 203 -15.88 -8.59 10.37
C PHE B 203 -17.02 -9.44 10.98
N GLY B 204 -17.83 -8.81 11.83
CA GLY B 204 -19.03 -9.42 12.43
C GLY B 204 -20.00 -9.94 11.38
N ALA B 205 -20.25 -9.15 10.33
CA ALA B 205 -21.20 -9.51 9.26
C ALA B 205 -20.69 -10.74 8.48
N ALA B 206 -19.36 -10.90 8.37
CA ALA B 206 -18.68 -12.06 7.73
C ALA B 206 -18.63 -13.26 8.70
N ARG B 207 -19.03 -13.07 9.97
CA ARG B 207 -18.97 -14.08 11.07
C ARG B 207 -17.53 -14.58 11.25
N ALA B 208 -16.55 -13.69 11.08
CA ALA B 208 -15.12 -14.00 11.15
C ALA B 208 -14.61 -13.90 12.59
N LEU B 209 -15.32 -13.16 13.47
CA LEU B 209 -14.89 -12.87 14.86
C LEU B 209 -15.39 -13.96 15.82
N SER B 210 -14.57 -14.33 16.81
CA SER B 210 -15.02 -14.99 18.05
C SER B 210 -16.17 -14.17 18.65
N THR B 211 -17.22 -14.85 19.11
CA THR B 211 -18.39 -14.27 19.83
C THR B 211 -18.39 -14.75 21.29
N ARG B 212 -17.23 -15.12 21.85
CA ARG B 212 -17.08 -15.58 23.25
C ARG B 212 -17.09 -14.38 24.21
N ASN B 213 -18.22 -13.66 24.27
CA ASN B 213 -18.41 -12.41 25.04
C ASN B 213 -18.30 -12.69 26.53
N ASP B 214 -18.62 -13.91 26.97
CA ASP B 214 -18.62 -14.26 28.42
C ASP B 214 -17.18 -14.38 28.93
N GLU B 215 -16.21 -14.70 28.06
CA GLU B 215 -14.81 -14.99 28.48
C GLU B 215 -13.84 -14.44 27.44
N PRO B 216 -13.72 -13.09 27.33
CA PRO B 216 -12.91 -12.48 26.28
C PRO B 216 -11.46 -12.98 26.26
N THR B 217 -10.87 -13.26 27.42
CA THR B 217 -9.44 -13.65 27.52
C THR B 217 -9.26 -15.06 26.97
N ARG B 218 -10.32 -15.86 26.86
CA ARG B 218 -10.27 -17.25 26.36
C ARG B 218 -10.68 -17.30 24.89
N ALA B 219 -11.10 -16.17 24.30
CA ALA B 219 -11.68 -16.14 22.94
C ALA B 219 -10.62 -16.57 21.91
N SER B 220 -9.40 -16.02 22.01
CA SER B 220 -8.30 -16.27 21.04
C SER B 220 -7.58 -17.54 21.44
N ARG B 221 -7.85 -18.65 20.73
CA ARG B 221 -7.37 -19.98 21.16
C ARG B 221 -6.89 -20.72 19.93
N PRO B 222 -5.79 -20.26 19.28
CA PRO B 222 -5.32 -20.86 18.04
C PRO B 222 -5.06 -22.36 18.19
N TRP B 223 -5.52 -23.12 17.18
CA TRP B 223 -5.43 -24.61 17.08
C TRP B 223 -6.24 -25.36 18.15
N ASP B 224 -6.96 -24.67 19.04
CA ASP B 224 -7.87 -25.30 20.02
C ASP B 224 -9.18 -25.68 19.29
N ARG B 225 -9.73 -26.84 19.61
CA ARG B 225 -10.91 -27.39 18.89
C ARG B 225 -12.15 -26.51 19.08
N ASP B 226 -12.17 -25.65 20.11
CA ASP B 226 -13.34 -24.77 20.43
C ASP B 226 -13.14 -23.31 19.96
N ARG B 227 -12.13 -23.03 19.14
CA ARG B 227 -11.96 -21.69 18.52
C ARG B 227 -13.16 -21.42 17.61
N ASP B 228 -13.52 -20.15 17.48
CA ASP B 228 -14.73 -19.71 16.75
C ASP B 228 -14.46 -18.37 16.03
N GLY B 229 -13.18 -18.12 15.65
CA GLY B 229 -12.79 -16.96 14.84
C GLY B 229 -11.83 -16.04 15.56
N PHE B 230 -11.39 -14.98 14.91
CA PHE B 230 -10.27 -14.15 15.43
C PHE B 230 -10.82 -13.07 16.35
N VAL B 231 -9.90 -12.43 17.05
CA VAL B 231 -10.19 -11.34 18.02
C VAL B 231 -9.56 -10.07 17.43
N LEU B 232 -10.37 -9.04 17.26
CA LEU B 232 -9.90 -7.79 16.65
C LEU B 232 -9.10 -6.96 17.67
N SER B 233 -7.89 -6.55 17.28
CA SER B 233 -6.99 -5.79 18.17
C SER B 233 -6.36 -4.58 17.46
N ASP B 234 -5.89 -3.66 18.28
CA ASP B 234 -5.38 -2.33 17.86
C ASP B 234 -3.92 -2.25 18.23
N GLY B 235 -3.15 -1.43 17.52
CA GLY B 235 -1.78 -1.10 17.94
C GLY B 235 -0.85 -0.89 16.76
N SER B 236 0.44 -1.07 16.98
CA SER B 236 1.49 -0.70 16.02
C SER B 236 2.80 -1.36 16.40
N GLY B 237 3.59 -1.68 15.38
CA GLY B 237 4.99 -2.09 15.52
C GLY B 237 5.81 -1.37 14.50
N ALA B 238 7.03 -0.98 14.87
CA ALA B 238 8.00 -0.32 13.98
C ALA B 238 9.36 -0.89 14.32
N LEU B 239 10.13 -1.16 13.27
CA LEU B 239 11.53 -1.61 13.38
C LEU B 239 12.38 -0.63 12.61
N VAL B 240 13.54 -0.33 13.17
CA VAL B 240 14.62 0.34 12.42
C VAL B 240 15.45 -0.74 11.76
N LEU B 241 15.38 -0.80 10.44
CA LEU B 241 16.20 -1.71 9.61
C LEU B 241 17.41 -0.93 9.14
N GLU B 242 18.57 -1.59 9.10
CA GLU B 242 19.82 -0.84 8.87
C GLU B 242 20.83 -1.75 8.17
N GLU B 243 21.48 -1.24 7.15
CA GLU B 243 22.60 -1.93 6.49
C GLU B 243 23.67 -2.24 7.55
N LEU B 244 24.21 -3.46 7.50
CA LEU B 244 25.10 -4.01 8.56
C LEU B 244 26.31 -3.11 8.77
N GLU B 245 27.04 -2.76 7.73
CA GLU B 245 28.29 -1.96 7.87
C GLU B 245 27.95 -0.58 8.43
N HIS B 246 26.85 0.02 8.00
CA HIS B 246 26.33 1.31 8.55
C HIS B 246 26.08 1.16 10.06
N ALA B 247 25.46 0.06 10.51
CA ALA B 247 25.18 -0.23 11.93
C ALA B 247 26.50 -0.37 12.70
N ARG B 248 27.47 -1.12 12.16
CA ARG B 248 28.74 -1.41 12.86
C ARG B 248 29.57 -0.14 13.01
N ALA B 249 29.63 0.70 11.97
CA ALA B 249 30.45 1.93 11.92
C ALA B 249 30.04 2.92 13.03
N ARG B 250 28.74 3.03 13.36
CA ARG B 250 28.30 4.00 14.40
C ARG B 250 28.16 3.32 15.76
N GLY B 251 28.46 2.02 15.87
CA GLY B 251 28.42 1.26 17.12
C GLY B 251 26.99 0.92 17.56
N ALA B 252 26.09 0.67 16.62
CA ALA B 252 24.68 0.38 16.96
C ALA B 252 24.58 -0.94 17.75
N ARG B 253 23.59 -1.02 18.62
CA ARG B 253 23.17 -2.27 19.27
C ARG B 253 22.33 -2.99 18.21
N ILE B 254 22.73 -4.20 17.85
CA ILE B 254 22.04 -5.05 16.84
C ILE B 254 21.25 -6.12 17.58
N TYR B 255 19.93 -6.12 17.44
CA TYR B 255 19.08 -7.18 18.01
C TYR B 255 19.21 -8.49 17.22
N ALA B 256 19.25 -8.45 15.90
CA ALA B 256 19.15 -9.67 15.05
C ALA B 256 19.35 -9.26 13.62
N GLU B 257 19.54 -10.25 12.77
CA GLU B 257 19.70 -10.04 11.32
C GLU B 257 18.43 -10.49 10.61
N LEU B 258 17.96 -9.69 9.64
CA LEU B 258 16.87 -10.11 8.73
C LEU B 258 17.53 -10.75 7.49
N VAL B 259 17.43 -12.08 7.39
CA VAL B 259 18.18 -12.87 6.38
C VAL B 259 17.28 -13.31 5.22
N GLY B 260 15.95 -13.33 5.40
CA GLY B 260 15.03 -13.92 4.41
C GLY B 260 13.68 -13.22 4.38
N PHE B 261 13.15 -13.07 3.17
CA PHE B 261 11.79 -12.52 2.92
C PHE B 261 11.16 -13.32 1.78
N GLY B 262 10.00 -13.87 2.09
CA GLY B 262 9.14 -14.62 1.18
C GLY B 262 7.84 -13.91 0.99
N MET B 263 7.38 -13.90 -0.26
CA MET B 263 6.03 -13.49 -0.69
C MET B 263 5.48 -14.64 -1.54
N SER B 264 4.17 -14.82 -1.50
CA SER B 264 3.45 -15.67 -2.46
C SER B 264 1.99 -15.25 -2.43
N GLY B 265 1.27 -15.58 -3.49
CA GLY B 265 -0.18 -15.52 -3.53
C GLY B 265 -0.72 -16.93 -3.61
N ASP B 266 -1.68 -17.26 -2.74
CA ASP B 266 -2.53 -18.49 -2.78
C ASP B 266 -3.23 -18.60 -4.14
N ALA B 267 -3.76 -17.48 -4.67
CA ALA B 267 -4.66 -17.46 -5.85
C ALA B 267 -5.81 -18.46 -5.64
N PHE B 268 -6.32 -18.53 -4.41
CA PHE B 268 -7.33 -19.54 -4.00
C PHE B 268 -8.68 -18.89 -3.74
N HIS B 269 -8.82 -18.07 -2.69
CA HIS B 269 -10.11 -17.47 -2.25
C HIS B 269 -9.88 -16.08 -1.64
N MET B 270 -10.94 -15.28 -1.56
CA MET B 270 -10.90 -13.84 -1.18
C MET B 270 -10.54 -13.71 0.29
N THR B 271 -11.02 -14.63 1.14
CA THR B 271 -10.86 -14.54 2.61
C THR B 271 -10.35 -15.85 3.24
N ALA B 272 -10.57 -17.02 2.66
CA ALA B 272 -10.21 -18.33 3.26
C ALA B 272 -8.93 -18.85 2.62
N PRO B 273 -8.00 -19.44 3.39
CA PRO B 273 -6.81 -20.04 2.80
C PRO B 273 -7.15 -21.45 2.33
N PRO B 274 -6.33 -22.06 1.45
CA PRO B 274 -6.52 -23.46 1.07
C PRO B 274 -6.26 -24.38 2.27
N GLU B 275 -6.94 -25.52 2.33
CA GLU B 275 -6.93 -26.46 3.50
C GLU B 275 -5.51 -26.97 3.75
N ASP B 276 -4.74 -27.21 2.68
CA ASP B 276 -3.37 -27.79 2.70
C ASP B 276 -2.30 -26.69 2.86
N GLY B 277 -2.71 -25.42 2.99
CA GLY B 277 -1.81 -24.27 3.12
C GLY B 277 -0.72 -24.24 2.06
N ALA B 278 -1.02 -24.62 0.82
CA ALA B 278 -0.06 -24.65 -0.31
C ALA B 278 0.63 -23.28 -0.42
N GLY B 279 -0.14 -22.20 -0.22
CA GLY B 279 0.33 -20.81 -0.38
C GLY B 279 1.37 -20.45 0.67
N ALA B 280 1.01 -20.65 1.93
CA ALA B 280 1.91 -20.46 3.10
C ALA B 280 3.17 -21.32 2.90
N ALA B 281 3.04 -22.56 2.40
CA ALA B 281 4.21 -23.45 2.18
C ALA B 281 5.14 -22.84 1.12
N ARG B 282 4.62 -22.37 -0.02
CA ARG B 282 5.45 -21.75 -1.10
C ARG B 282 6.17 -20.51 -0.53
N CYS B 283 5.45 -19.71 0.21
CA CYS B 283 5.96 -18.46 0.80
C CYS B 283 7.13 -18.78 1.76
N MET B 284 6.92 -19.69 2.72
CA MET B 284 8.02 -20.09 3.65
C MET B 284 9.21 -20.66 2.86
N LYS B 285 9.00 -21.56 1.90
CA LYS B 285 10.09 -22.13 1.05
C LYS B 285 10.82 -20.98 0.35
N ASN B 286 10.09 -20.01 -0.22
CA ASN B 286 10.67 -18.80 -0.86
C ASN B 286 11.52 -18.03 0.14
N ALA B 287 11.07 -17.89 1.38
CA ALA B 287 11.79 -17.12 2.43
C ALA B 287 13.10 -17.83 2.83
N LEU B 288 13.04 -19.16 2.99
CA LEU B 288 14.23 -19.97 3.34
C LEU B 288 15.23 -19.94 2.18
N ARG B 289 14.78 -20.09 0.94
CA ARG B 289 15.65 -20.02 -0.25
C ARG B 289 16.30 -18.63 -0.31
N ASP B 290 15.51 -17.58 -0.08
CA ASP B 290 16.01 -16.18 -0.04
C ASP B 290 17.15 -16.06 0.99
N ALA B 291 17.07 -16.78 2.11
CA ALA B 291 18.05 -16.73 3.22
C ALA B 291 19.21 -17.73 3.00
N GLY B 292 19.13 -18.59 1.98
CA GLY B 292 20.10 -19.68 1.76
C GLY B 292 20.08 -20.69 2.91
N LEU B 293 18.92 -20.90 3.53
CA LEU B 293 18.80 -21.82 4.68
C LEU B 293 17.97 -23.04 4.30
N ASP B 294 18.38 -24.20 4.84
N ASP B 294 18.39 -24.21 4.80
CA ASP B 294 17.65 -25.49 4.79
CA ASP B 294 17.60 -25.48 4.71
C ASP B 294 16.52 -25.43 5.81
C ASP B 294 16.53 -25.43 5.79
N PRO B 295 15.31 -25.93 5.51
CA PRO B 295 14.24 -25.96 6.52
C PRO B 295 14.67 -26.49 7.92
N ARG B 296 15.65 -27.40 7.96
CA ARG B 296 16.17 -28.00 9.22
C ARG B 296 16.74 -26.96 10.18
N GLN B 297 17.24 -25.83 9.68
CA GLN B 297 17.89 -24.78 10.51
C GLN B 297 16.85 -23.91 11.24
N VAL B 298 15.56 -24.03 10.93
CA VAL B 298 14.52 -23.19 11.61
C VAL B 298 14.23 -23.75 12.99
N ASP B 299 14.23 -22.90 14.01
CA ASP B 299 14.01 -23.33 15.42
C ASP B 299 12.64 -22.84 15.94
N TYR B 300 12.18 -21.68 15.48
CA TYR B 300 10.98 -21.05 16.07
C TYR B 300 10.17 -20.37 14.97
N ILE B 301 8.87 -20.58 14.96
CA ILE B 301 7.94 -19.93 14.01
C ILE B 301 6.92 -19.13 14.81
N ASN B 302 6.84 -17.83 14.54
CA ASN B 302 5.71 -17.05 15.06
C ASN B 302 4.64 -17.16 13.99
N ALA B 303 3.67 -18.03 14.23
CA ALA B 303 2.60 -18.37 13.26
C ALA B 303 1.72 -17.15 13.04
N HIS B 304 0.98 -17.12 11.93
CA HIS B 304 -0.18 -16.19 11.77
C HIS B 304 -1.18 -16.51 12.89
N GLY B 305 -1.60 -17.78 13.01
CA GLY B 305 -2.32 -18.34 14.16
C GLY B 305 -3.50 -17.48 14.61
N THR B 306 -4.44 -17.19 13.71
CA THR B 306 -5.51 -16.19 13.97
C THR B 306 -6.65 -16.71 14.85
N SER B 307 -6.75 -18.03 15.08
CA SER B 307 -7.89 -18.66 15.81
C SER B 307 -9.14 -18.80 14.91
N THR B 308 -8.97 -18.84 13.59
CA THR B 308 -10.06 -19.23 12.67
C THR B 308 -9.98 -20.74 12.39
N PRO B 309 -11.14 -21.41 12.24
CA PRO B 309 -11.14 -22.84 11.92
C PRO B 309 -10.13 -23.18 10.81
N ALA B 310 -10.30 -22.59 9.63
CA ALA B 310 -9.56 -23.02 8.41
C ALA B 310 -8.10 -22.49 8.43
N GLY B 311 -7.86 -21.26 8.89
CA GLY B 311 -6.52 -20.63 8.90
C GLY B 311 -5.52 -21.43 9.74
N ASP B 312 -5.90 -21.81 10.94
CA ASP B 312 -5.02 -22.50 11.93
C ASP B 312 -4.59 -23.86 11.35
N ILE B 313 -5.55 -24.62 10.82
CA ILE B 313 -5.28 -25.99 10.25
C ILE B 313 -4.41 -25.85 8.99
N ALA B 314 -4.66 -24.86 8.13
CA ALA B 314 -3.84 -24.61 6.93
C ALA B 314 -2.35 -24.41 7.29
N GLU B 315 -2.06 -23.71 8.39
N GLU B 315 -2.10 -23.71 8.40
CA GLU B 315 -0.67 -23.41 8.82
CA GLU B 315 -0.73 -23.38 8.87
C GLU B 315 0.02 -24.69 9.31
C GLU B 315 -0.01 -24.67 9.32
N ILE B 316 -0.70 -25.55 10.04
CA ILE B 316 -0.15 -26.88 10.45
C ILE B 316 0.25 -27.65 9.19
N ALA B 317 -0.65 -27.77 8.23
CA ALA B 317 -0.36 -28.50 6.96
C ALA B 317 0.84 -27.87 6.25
N ALA B 318 0.90 -26.53 6.19
CA ALA B 318 2.01 -25.81 5.51
C ALA B 318 3.34 -26.17 6.18
N VAL B 319 3.36 -26.15 7.50
CA VAL B 319 4.60 -26.41 8.29
C VAL B 319 5.02 -27.88 8.10
N LYS B 320 4.08 -28.84 8.16
CA LYS B 320 4.42 -30.28 7.95
C LYS B 320 4.99 -30.44 6.56
N SER B 321 4.42 -29.75 5.57
CA SER B 321 4.84 -29.83 4.16
C SER B 321 6.28 -29.34 4.00
N VAL B 322 6.55 -28.15 4.52
CA VAL B 322 7.86 -27.47 4.31
C VAL B 322 8.98 -28.20 5.08
N PHE B 323 8.71 -28.65 6.31
CA PHE B 323 9.75 -29.02 7.29
C PHE B 323 9.87 -30.54 7.44
N GLY B 324 8.92 -31.32 6.91
CA GLY B 324 8.96 -32.79 6.92
C GLY B 324 9.37 -33.33 8.28
N GLU B 325 10.51 -34.04 8.35
CA GLU B 325 11.00 -34.75 9.57
C GLU B 325 11.47 -33.74 10.64
N HIS B 326 11.49 -32.44 10.36
CA HIS B 326 11.92 -31.39 11.34
C HIS B 326 10.71 -30.67 11.93
N ALA B 327 9.51 -30.95 11.44
CA ALA B 327 8.27 -30.18 11.73
C ALA B 327 7.97 -30.19 13.24
N HIS B 328 8.35 -31.26 13.95
CA HIS B 328 8.05 -31.46 15.39
C HIS B 328 9.17 -30.88 16.26
N ALA B 329 10.36 -30.65 15.70
CA ALA B 329 11.58 -30.24 16.43
C ALA B 329 11.54 -28.73 16.65
N LEU B 330 11.14 -27.96 15.63
CA LEU B 330 10.90 -26.50 15.82
C LEU B 330 9.73 -26.33 16.78
N SER B 331 9.66 -25.17 17.40
CA SER B 331 8.50 -24.70 18.19
C SER B 331 7.75 -23.67 17.35
N MET B 332 6.43 -23.73 17.33
CA MET B 332 5.62 -22.72 16.62
C MET B 332 4.55 -22.23 17.60
N SER B 333 4.43 -20.92 17.80
CA SER B 333 3.37 -20.34 18.66
C SER B 333 2.69 -19.15 17.99
N SER B 334 1.45 -18.93 18.40
CA SER B 334 0.63 -17.75 18.02
C SER B 334 0.53 -16.85 19.24
N THR B 335 1.24 -15.73 19.20
CA THR B 335 1.13 -14.67 20.21
C THR B 335 -0.25 -14.01 20.07
N LYS B 336 -0.99 -14.26 18.98
CA LYS B 336 -2.39 -13.75 18.84
C LYS B 336 -3.27 -14.35 19.95
N SER B 337 -2.86 -15.49 20.54
CA SER B 337 -3.55 -16.10 21.70
C SER B 337 -3.67 -15.06 22.83
N MET B 338 -2.73 -14.11 22.87
CA MET B 338 -2.63 -13.06 23.92
C MET B 338 -3.00 -11.66 23.38
N THR B 339 -2.51 -11.29 22.19
CA THR B 339 -2.63 -9.89 21.65
C THR B 339 -3.94 -9.72 20.88
N GLY B 340 -4.56 -10.83 20.46
CA GLY B 340 -5.52 -10.81 19.35
C GLY B 340 -4.82 -10.40 18.07
N HIS B 341 -5.63 -10.07 17.08
CA HIS B 341 -5.22 -9.93 15.67
C HIS B 341 -5.15 -8.43 15.36
N LEU B 342 -3.94 -7.86 15.25
CA LEU B 342 -3.77 -6.41 14.98
C LEU B 342 -3.87 -6.14 13.48
N LEU B 343 -4.35 -7.12 12.68
CA LEU B 343 -4.53 -6.95 11.22
C LEU B 343 -3.22 -6.45 10.57
N GLY B 344 -3.19 -5.24 10.00
CA GLY B 344 -1.98 -4.76 9.29
C GLY B 344 -0.78 -4.60 10.19
N ALA B 345 -0.97 -4.41 11.50
CA ALA B 345 0.11 -4.29 12.50
C ALA B 345 0.49 -5.66 13.03
N ALA B 346 -0.27 -6.73 12.71
CA ALA B 346 0.03 -8.06 13.27
C ALA B 346 1.46 -8.46 12.91
N GLY B 347 1.84 -8.36 11.65
CA GLY B 347 3.19 -8.75 11.19
C GLY B 347 4.29 -7.91 11.83
N ALA B 348 4.01 -6.65 12.18
CA ALA B 348 5.03 -5.72 12.74
C ALA B 348 5.31 -6.14 14.20
N VAL B 349 4.25 -6.30 15.01
CA VAL B 349 4.46 -6.66 16.44
C VAL B 349 5.00 -8.09 16.49
N GLU B 350 4.61 -8.99 15.58
CA GLU B 350 5.07 -10.40 15.62
C GLU B 350 6.52 -10.55 15.13
N ALA B 351 6.99 -9.71 14.19
CA ALA B 351 8.42 -9.61 13.85
C ALA B 351 9.23 -9.19 15.08
N ILE B 352 8.73 -8.22 15.86
CA ILE B 352 9.44 -7.77 17.10
C ILE B 352 9.51 -8.95 18.09
N PHE B 353 8.41 -9.67 18.26
CA PHE B 353 8.32 -10.84 19.17
C PHE B 353 9.27 -11.94 18.68
N SER B 354 9.46 -12.07 17.38
CA SER B 354 10.37 -13.08 16.77
C SER B 354 11.82 -12.68 17.06
N VAL B 355 12.13 -11.40 16.89
CA VAL B 355 13.46 -10.84 17.24
C VAL B 355 13.70 -11.06 18.74
N LEU B 356 12.72 -10.80 19.60
CA LEU B 356 12.94 -10.92 21.08
C LEU B 356 13.07 -12.39 21.46
N ALA B 357 12.43 -13.31 20.73
CA ALA B 357 12.59 -14.76 20.95
C ALA B 357 14.06 -15.12 20.76
N LEU B 358 14.71 -14.58 19.74
CA LEU B 358 16.15 -14.80 19.46
C LEU B 358 17.01 -14.16 20.58
N ARG B 359 16.71 -12.93 20.97
CA ARG B 359 17.49 -12.25 22.04
C ARG B 359 17.42 -13.10 23.33
N ASP B 360 16.23 -13.54 23.76
CA ASP B 360 16.03 -14.12 25.12
C ASP B 360 16.01 -15.66 25.07
N GLN B 361 16.19 -16.28 23.89
CA GLN B 361 16.19 -17.75 23.69
C GLN B 361 14.95 -18.37 24.34
N VAL B 362 13.76 -17.94 23.92
CA VAL B 362 12.48 -18.41 24.54
C VAL B 362 11.39 -18.34 23.47
N ALA B 363 10.62 -19.43 23.32
CA ALA B 363 9.41 -19.49 22.49
C ALA B 363 8.25 -18.99 23.33
N PRO B 364 7.57 -17.89 22.92
CA PRO B 364 6.40 -17.40 23.63
C PRO B 364 5.29 -18.44 23.54
N PRO B 365 4.36 -18.46 24.51
CA PRO B 365 3.32 -19.48 24.55
C PRO B 365 2.19 -19.27 23.53
N THR B 366 1.50 -20.34 23.18
CA THR B 366 0.13 -20.25 22.65
C THR B 366 -0.80 -20.46 23.82
N ILE B 367 -1.30 -19.40 24.46
CA ILE B 367 -2.26 -19.60 25.58
C ILE B 367 -3.59 -20.13 25.02
N ASN B 368 -4.43 -20.68 25.90
CA ASN B 368 -5.81 -21.18 25.62
C ASN B 368 -5.79 -22.48 24.78
N LEU B 369 -4.65 -23.14 24.61
CA LEU B 369 -4.54 -24.35 23.74
C LEU B 369 -4.82 -25.54 24.67
N ASP B 370 -6.08 -25.66 25.08
CA ASP B 370 -6.58 -26.59 26.13
C ASP B 370 -6.79 -27.95 25.49
N ASN B 371 -7.27 -27.98 24.26
CA ASN B 371 -7.62 -29.22 23.52
C ASN B 371 -7.21 -29.06 22.06
N PRO B 372 -5.92 -29.30 21.75
CA PRO B 372 -5.47 -29.29 20.37
C PRO B 372 -6.46 -30.04 19.47
N ASP B 373 -6.64 -29.53 18.25
CA ASP B 373 -7.61 -30.06 17.28
C ASP B 373 -6.97 -31.24 16.53
N GLU B 374 -7.78 -31.94 15.73
CA GLU B 374 -7.32 -33.04 14.85
C GLU B 374 -6.09 -32.58 14.07
N GLY B 375 -4.97 -33.29 14.22
CA GLY B 375 -3.77 -33.07 13.40
C GLY B 375 -2.90 -31.93 13.93
N CYS B 376 -3.33 -31.21 14.98
CA CYS B 376 -2.56 -30.09 15.57
C CYS B 376 -1.61 -30.65 16.65
N ASP B 377 -0.68 -31.52 16.24
CA ASP B 377 0.17 -32.34 17.15
C ASP B 377 1.62 -31.83 17.14
N LEU B 378 1.88 -30.65 16.58
CA LEU B 378 3.22 -30.03 16.61
C LEU B 378 3.53 -29.51 18.03
N ASP B 379 4.74 -29.02 18.23
CA ASP B 379 5.11 -28.29 19.47
C ASP B 379 4.59 -26.84 19.31
N LEU B 380 3.39 -26.58 19.84
CA LEU B 380 2.67 -25.29 19.66
C LEU B 380 2.84 -24.46 20.93
N VAL B 381 3.76 -24.87 21.81
CA VAL B 381 4.11 -24.15 23.05
C VAL B 381 2.85 -23.81 23.86
N ALA B 382 1.96 -24.80 24.03
CA ALA B 382 0.71 -24.63 24.78
C ALA B 382 1.00 -24.04 26.17
N HIS B 383 0.25 -23.01 26.53
CA HIS B 383 0.04 -22.50 27.91
C HIS B 383 1.20 -21.63 28.42
N GLU B 384 2.45 -22.08 28.32
CA GLU B 384 3.59 -21.38 28.98
C GLU B 384 4.79 -21.25 28.04
N ALA B 385 5.57 -20.18 28.25
CA ALA B 385 6.83 -19.87 27.55
C ALA B 385 7.77 -21.08 27.67
N LYS B 386 8.53 -21.37 26.62
CA LYS B 386 9.48 -22.51 26.58
C LYS B 386 10.85 -21.97 26.22
N PRO B 387 11.76 -21.79 27.21
CA PRO B 387 13.16 -21.50 26.93
C PRO B 387 13.76 -22.61 26.06
N ARG B 388 14.50 -22.25 25.02
CA ARG B 388 15.07 -23.26 24.09
C ARG B 388 16.11 -22.54 23.24
N LYS B 389 16.91 -23.31 22.52
CA LYS B 389 17.86 -22.79 21.52
C LYS B 389 17.06 -22.25 20.34
N ILE B 390 17.26 -21.00 20.00
CA ILE B 390 16.66 -20.38 18.79
C ILE B 390 17.76 -19.64 18.06
N ASP B 391 18.22 -20.18 16.96
CA ASP B 391 19.18 -19.50 16.05
C ASP B 391 18.42 -18.77 14.94
N VAL B 392 17.37 -19.40 14.42
CA VAL B 392 16.58 -18.96 13.25
C VAL B 392 15.10 -18.94 13.65
N ALA B 393 14.44 -17.79 13.48
CA ALA B 393 13.01 -17.58 13.78
C ALA B 393 12.28 -17.07 12.53
N LEU B 394 11.11 -17.65 12.25
CA LEU B 394 10.26 -17.26 11.10
C LEU B 394 9.05 -16.50 11.67
N SER B 395 8.55 -15.54 10.91
CA SER B 395 7.27 -14.86 11.25
C SER B 395 6.41 -14.89 10.01
N ASN B 396 5.25 -15.53 10.09
CA ASN B 396 4.31 -15.74 8.95
C ASN B 396 3.10 -14.80 9.10
N SER B 397 2.68 -14.25 7.97
CA SER B 397 1.38 -13.54 7.83
C SER B 397 0.68 -14.04 6.55
N PHE B 398 -0.61 -14.29 6.68
CA PHE B 398 -1.50 -14.74 5.56
C PHE B 398 -2.71 -13.79 5.62
N GLY B 399 -3.13 -13.22 4.51
CA GLY B 399 -4.26 -12.25 4.55
C GLY B 399 -5.25 -12.42 3.42
N PHE B 400 -6.35 -11.67 3.52
CA PHE B 400 -7.39 -11.56 2.47
C PHE B 400 -6.72 -11.39 1.12
N GLY B 401 -7.31 -12.01 0.10
CA GLY B 401 -6.75 -12.06 -1.26
C GLY B 401 -5.73 -13.16 -1.42
N GLY B 402 -5.52 -13.99 -0.40
CA GLY B 402 -4.52 -15.07 -0.43
C GLY B 402 -3.10 -14.51 -0.45
N THR B 403 -2.89 -13.35 0.16
CA THR B 403 -1.53 -12.72 0.13
C THR B 403 -0.74 -13.22 1.35
N ASN B 404 0.48 -13.68 1.12
CA ASN B 404 1.33 -14.33 2.14
C ASN B 404 2.66 -13.58 2.28
N GLY B 405 3.20 -13.57 3.47
CA GLY B 405 4.51 -13.00 3.77
C GLY B 405 5.20 -13.82 4.83
N THR B 406 6.51 -14.03 4.64
CA THR B 406 7.36 -14.71 5.64
C THR B 406 8.64 -13.90 5.81
N LEU B 407 8.98 -13.60 7.06
CA LEU B 407 10.28 -13.01 7.43
C LEU B 407 11.14 -14.08 8.10
N VAL B 408 12.43 -14.13 7.75
CA VAL B 408 13.43 -15.02 8.40
C VAL B 408 14.46 -14.14 9.11
N PHE B 409 14.51 -14.26 10.42
CA PHE B 409 15.47 -13.61 11.32
C PHE B 409 16.43 -14.67 11.85
N ARG B 410 17.67 -14.25 12.11
CA ARG B 410 18.77 -15.09 12.61
C ARG B 410 19.53 -14.31 13.70
N ARG B 411 20.04 -15.03 14.70
CA ARG B 411 20.95 -14.46 15.73
C ARG B 411 22.13 -13.80 15.02
N PHE B 412 22.54 -12.64 15.52
CA PHE B 412 23.72 -11.90 14.99
C PHE B 412 24.82 -11.86 16.07
N ALA B 413 26.05 -12.25 15.73
CA ALA B 413 27.25 -12.14 16.61
C ALA B 413 28.52 -12.02 15.75
C4 Q6C C . -9.91 3.01 4.67
C4 Q6C C . -9.03 4.50 2.92
C5 Q6C C . -10.67 1.69 4.68
C5 Q6C C . -9.45 5.97 2.94
C6 Q6C C . -11.72 1.58 5.56
C6 Q6C C . -10.76 6.51 2.86
C7 Q6C C . -12.50 0.45 5.47
C7 Q6C C . -10.86 7.92 2.95
C8 Q6C C . -12.23 -0.57 4.57
C8 Q6C C . -9.80 8.72 3.10
N Q6C C . -10.33 0.75 3.77
N Q6C C . -8.39 6.76 3.08
C Q6C C . -9.48 8.32 3.18
C Q6C C . -11.77 -0.53 4.23
O Q6C C . -9.46 5.98 2.81
O Q6C C . -10.73 1.59 4.69
C1 Q6C C . -8.66 7.03 3.22
C1 Q6C C . -10.58 0.40 3.95
C2 Q6C C . -9.11 4.70 3.02
C2 Q6C C . -9.94 2.72 4.44
C3 Q6C C . -10.31 3.84 3.41
C3 Q6C C . -10.18 3.45 3.14
C9 Q6C C . -11.10 -0.37 3.73
C9 Q6C C . -8.58 8.10 3.17
F Q6C C . -10.63 3.09 2.31
F Q6C C . -11.36 4.04 3.29
O1 Q6C C . -7.98 4.33 2.84
O1 Q6C C . -9.19 3.09 5.31
O2 Q6C C . -8.59 2.83 4.72
O2 Q6C C . -8.09 4.30 3.87
CL Q6C C . -13.86 0.39 6.50
CL Q6C C . -12.35 8.73 2.92
S DMS D . 13.96 -1.35 -13.32
O DMS D . 14.43 -1.58 -11.93
C1 DMS D . 14.04 0.40 -13.61
C2 DMS D . 15.35 -1.81 -14.36
S DMS E . 21.75 21.14 -18.94
O DMS E . 21.27 21.38 -20.37
C1 DMS E . 21.44 19.41 -18.58
C2 DMS E . 23.54 21.07 -19.04
S DMS F . -24.95 -1.71 1.94
O DMS F . -24.77 -1.96 3.42
C1 DMS F . -26.51 -0.90 1.71
C2 DMS F . -25.35 -3.29 1.21
S DMS G . 8.42 12.19 19.83
O DMS G . 9.81 11.61 19.82
C1 DMS G . 8.45 13.52 21.02
C2 DMS G . 8.40 13.21 18.38
S DMS H . 21.76 18.17 10.70
O DMS H . 23.01 17.59 10.07
C1 DMS H . 21.94 17.92 12.45
C2 DMS H . 21.99 19.93 10.65
S DMS I . 17.19 -8.84 2.72
O DMS I . 16.95 -8.61 1.23
C1 DMS I . 15.76 -9.67 3.32
C2 DMS I . 18.31 -10.20 2.81
S DMS J . -9.79 14.99 11.08
O DMS J . -10.99 14.26 10.52
C1 DMS J . -10.36 15.75 12.58
C2 DMS J . -8.73 13.76 11.81
S DMS K . 11.58 3.97 24.05
O DMS K . 12.17 3.47 22.74
C1 DMS K . 10.30 2.84 24.52
C2 DMS K . 10.58 5.34 23.66
S DMS L . -9.15 12.46 16.22
O DMS L . -8.43 11.95 15.01
C1 DMS L . -8.72 11.37 17.56
C2 DMS L . -10.84 11.97 16.04
S DMS M . 17.31 11.98 15.39
O DMS M . 18.40 12.68 14.63
C1 DMS M . 16.14 13.24 15.90
C2 DMS M . 17.99 11.63 17.00
P PO4 N . 26.31 8.28 7.54
O1 PO4 N . 26.44 9.78 7.41
O2 PO4 N . 27.65 7.65 8.05
O3 PO4 N . 25.17 7.92 8.52
O4 PO4 N . 25.99 7.70 6.13
#